data_9C84
#
_entry.id   9C84
#
_cell.length_a   119.190
_cell.length_b   76.280
_cell.length_c   98.100
_cell.angle_alpha   90.000
_cell.angle_beta   116.000
_cell.angle_gamma   90.000
#
_symmetry.space_group_name_H-M   'C 1 2 1'
#
loop_
_entity.id
_entity.type
_entity.pdbx_description
1 polymer 'AmpC Beta-lactamase'
2 non-polymer 3,5-dichloro-N-(8-fluoroisoquinolin-5-yl)-2-hydroxybenzene-1-sulfonamide
3 water water
#
_entity_poly.entity_id   1
_entity_poly.type   'polypeptide(L)'
_entity_poly.pdbx_seq_one_letter_code
;MFKTTLCALLITASCSTFAAPQQINDIVHRTITPLIEQQKIPGMAVAVIYQGKPYYFTWGYADIAKKQPVTQQTLFELGS
VSKTFTGVLGGDAIARGEIKLSDPTTKYWPELTAKQWNGITLLHLATYTAGGLPLQVPDEVKSSSDLLRFYQNWQPAWAP
GTQRLYANSSIGLFGALAVKPSGLSFEQAMQTRVFQPLKLNHTWINVPPAEEKNYAWGYREGKAVHVSPGALDAEAYGVK
STIEDMARWVQSNLKPLDINEKTLQQGIQLAQSRYWQTGDMYQGLGWEMLDWPVNPDSIINGSDNKIALAARPVKAITPP
TPAVRASWVHKTGATGGFGSYVAFIPEKELGIVMLANKNYPNPARVDAAWQILNALQ
;
_entity_poly.pdbx_strand_id   A,B
#
loop_
_chem_comp.id
_chem_comp.type
_chem_comp.name
_chem_comp.formula
A1AU1 non-polymer 3,5-dichloro-N-(8-fluoroisoquinolin-5-yl)-2-hydroxybenzene-1-sulfonamide 'C15 H9 Cl2 F N2 O3 S'
#
# COMPACT_ATOMS: atom_id res chain seq x y z
N ALA A 20 3.04 10.11 -37.42
CA ALA A 20 2.84 8.98 -36.51
C ALA A 20 3.38 7.72 -37.17
N PRO A 21 3.87 6.77 -36.38
CA PRO A 21 4.30 5.49 -36.96
C PRO A 21 3.15 4.87 -37.74
N GLN A 22 3.49 4.29 -38.90
CA GLN A 22 2.43 3.81 -39.79
C GLN A 22 1.63 2.67 -39.15
N GLN A 23 2.25 1.87 -38.29
CA GLN A 23 1.50 0.78 -37.65
C GLN A 23 0.36 1.34 -36.82
N ILE A 24 0.62 2.42 -36.08
CA ILE A 24 -0.42 3.03 -35.25
C ILE A 24 -1.49 3.68 -36.11
N ASN A 25 -1.08 4.50 -37.09
CA ASN A 25 -2.03 5.08 -38.02
C ASN A 25 -2.96 4.02 -38.60
N ASP A 26 -2.37 2.92 -39.06
CA ASP A 26 -3.14 1.92 -39.78
C ASP A 26 -4.12 1.20 -38.85
N ILE A 27 -3.65 0.72 -37.69
CA ILE A 27 -4.56 -0.03 -36.83
C ILE A 27 -5.67 0.87 -36.30
N VAL A 28 -5.35 2.13 -35.98
CA VAL A 28 -6.38 3.04 -35.48
C VAL A 28 -7.43 3.30 -36.55
N HIS A 29 -7.00 3.73 -37.74
CA HIS A 29 -7.98 4.07 -38.76
C HIS A 29 -8.79 2.85 -39.19
N ARG A 30 -8.13 1.71 -39.37
CA ARG A 30 -8.82 0.50 -39.81
C ARG A 30 -9.78 -0.03 -38.75
N THR A 31 -9.56 0.30 -37.47
CA THR A 31 -10.51 -0.10 -36.44
C THR A 31 -11.62 0.93 -36.22
N ILE A 32 -11.28 2.22 -36.18
CA ILE A 32 -12.24 3.23 -35.78
C ILE A 32 -13.18 3.62 -36.92
N THR A 33 -12.69 3.69 -38.16
CA THR A 33 -13.58 4.04 -39.27
C THR A 33 -14.80 3.13 -39.34
N PRO A 34 -14.65 1.80 -39.34
CA PRO A 34 -15.84 0.94 -39.33
C PRO A 34 -16.69 1.11 -38.08
N LEU A 35 -16.06 1.33 -36.93
CA LEU A 35 -16.82 1.59 -35.71
C LEU A 35 -17.72 2.81 -35.87
N ILE A 36 -17.16 3.91 -36.35
CA ILE A 36 -17.95 5.12 -36.56
C ILE A 36 -19.10 4.83 -37.50
N GLU A 37 -18.82 4.13 -38.61
CA GLU A 37 -19.88 3.84 -39.58
C GLU A 37 -20.98 2.98 -38.96
N GLN A 38 -20.61 1.90 -38.27
CA GLN A 38 -21.59 0.96 -37.76
C GLN A 38 -22.43 1.59 -36.65
N GLN A 39 -21.83 2.44 -35.80
CA GLN A 39 -22.53 3.00 -34.65
C GLN A 39 -23.11 4.39 -34.93
N LYS A 40 -22.90 4.93 -36.12
CA LYS A 40 -23.40 6.25 -36.49
C LYS A 40 -22.94 7.32 -35.50
N ILE A 41 -21.64 7.30 -35.20
CA ILE A 41 -21.05 8.24 -34.23
C ILE A 41 -20.78 9.58 -34.91
N PRO A 42 -21.33 10.68 -34.41
CA PRO A 42 -21.13 11.96 -35.10
C PRO A 42 -19.70 12.47 -35.04
N GLY A 43 -19.03 12.30 -33.92
CA GLY A 43 -17.68 12.80 -33.76
C GLY A 43 -16.90 11.97 -32.76
N MET A 44 -15.60 11.85 -32.98
CA MET A 44 -14.79 11.01 -32.12
C MET A 44 -13.36 11.50 -32.06
N ALA A 45 -12.74 11.33 -30.90
CA ALA A 45 -11.32 11.58 -30.71
C ALA A 45 -10.71 10.34 -30.06
N VAL A 46 -9.52 9.99 -30.51
CA VAL A 46 -8.79 8.83 -30.00
C VAL A 46 -7.36 9.26 -29.73
N ALA A 47 -6.82 8.79 -28.61
CA ALA A 47 -5.39 8.87 -28.33
C ALA A 47 -4.85 7.49 -28.06
N VAL A 48 -3.69 7.19 -28.65
CA VAL A 48 -2.93 6.00 -28.32
C VAL A 48 -1.64 6.46 -27.66
N ILE A 49 -1.34 5.90 -26.50
CA ILE A 49 -0.07 6.09 -25.83
C ILE A 49 0.78 4.87 -26.12
N TYR A 50 1.91 5.08 -26.78
CA TYR A 50 2.79 4.01 -27.23
C TYR A 50 4.20 4.35 -26.76
N GLN A 51 4.77 3.47 -25.95
CA GLN A 51 6.07 3.71 -25.31
C GLN A 51 6.12 5.13 -24.74
N GLY A 52 5.04 5.50 -24.04
CA GLY A 52 5.00 6.77 -23.34
C GLY A 52 4.81 8.00 -24.19
N LYS A 53 4.50 7.85 -25.48
CA LYS A 53 4.25 9.02 -26.31
C LYS A 53 2.81 8.99 -26.83
N PRO A 54 2.10 10.12 -26.83
CA PRO A 54 0.72 10.12 -27.34
C PRO A 54 0.63 10.45 -28.83
N TYR A 55 -0.32 9.79 -29.47
CA TYR A 55 -0.68 10.02 -30.86
C TYR A 55 -2.19 10.22 -30.94
N TYR A 56 -2.62 11.28 -31.63
CA TYR A 56 -3.99 11.71 -31.62
C TYR A 56 -4.65 11.58 -32.99
N PHE A 57 -5.95 11.32 -32.97
CA PHE A 57 -6.78 11.12 -34.14
C PHE A 57 -8.15 11.71 -33.87
N THR A 58 -8.73 12.36 -34.88
CA THR A 58 -10.08 12.90 -34.74
C THR A 58 -10.89 12.69 -36.01
N TRP A 59 -12.20 12.56 -35.82
CA TRP A 59 -13.15 12.41 -36.90
C TRP A 59 -14.43 13.17 -36.61
N GLY A 60 -15.07 13.67 -37.67
CA GLY A 60 -16.45 14.11 -37.54
C GLY A 60 -16.63 15.41 -36.77
N TYR A 61 -17.78 15.51 -36.10
CA TYR A 61 -18.35 16.79 -35.68
C TYR A 61 -18.60 16.83 -34.18
N ALA A 62 -18.09 17.89 -33.55
CA ALA A 62 -18.45 18.22 -32.18
C ALA A 62 -19.82 18.88 -32.11
N ASP A 63 -20.20 19.61 -33.17
CA ASP A 63 -21.49 20.30 -33.24
C ASP A 63 -21.97 20.16 -34.68
N ILE A 64 -22.97 19.32 -34.90
CA ILE A 64 -23.42 19.06 -36.26
C ILE A 64 -24.01 20.32 -36.89
N ALA A 65 -24.90 21.01 -36.16
CA ALA A 65 -25.62 22.14 -36.73
C ALA A 65 -24.68 23.30 -37.09
N LYS A 66 -23.71 23.60 -36.22
CA LYS A 66 -22.76 24.67 -36.46
C LYS A 66 -21.52 24.20 -37.23
N LYS A 67 -21.51 22.94 -37.67
CA LYS A 67 -20.44 22.37 -38.50
C LYS A 67 -19.07 22.50 -37.86
N GLN A 68 -19.01 22.35 -36.53
CA GLN A 68 -17.74 22.45 -35.82
C GLN A 68 -17.09 21.07 -35.76
N PRO A 69 -15.86 20.92 -36.23
CA PRO A 69 -15.22 19.60 -36.23
C PRO A 69 -14.71 19.24 -34.84
N VAL A 70 -14.55 17.93 -34.63
CA VAL A 70 -13.80 17.48 -33.47
C VAL A 70 -12.32 17.82 -33.65
N THR A 71 -11.73 18.45 -32.64
CA THR A 71 -10.31 18.72 -32.61
C THR A 71 -9.68 18.15 -31.34
N GLN A 72 -8.37 18.29 -31.22
CA GLN A 72 -7.67 17.86 -30.02
C GLN A 72 -8.02 18.70 -28.80
N GLN A 73 -8.71 19.83 -29.00
CA GLN A 73 -9.16 20.70 -27.92
C GLN A 73 -10.65 20.57 -27.62
N THR A 74 -11.37 19.69 -28.32
CA THR A 74 -12.78 19.49 -28.06
C THR A 74 -12.98 18.84 -26.69
N LEU A 75 -13.94 19.36 -25.93
CA LEU A 75 -14.32 18.78 -24.65
C LEU A 75 -15.44 17.77 -24.83
N PHE A 76 -15.28 16.60 -24.20
CA PHE A 76 -16.30 15.56 -24.17
C PHE A 76 -16.68 15.28 -22.72
N GLU A 77 -17.94 14.87 -22.53
CA GLU A 77 -18.40 14.41 -21.21
C GLU A 77 -17.87 13.01 -20.99
N LEU A 78 -17.18 12.81 -19.86
CA LEU A 78 -16.55 11.52 -19.57
C LEU A 78 -17.49 10.54 -18.90
N GLY A 79 -18.60 11.00 -18.35
CA GLY A 79 -19.48 10.09 -17.65
C GLY A 79 -18.71 9.38 -16.56
N SER A 80 -18.91 8.06 -16.45
CA SER A 80 -18.32 7.29 -15.37
C SER A 80 -16.80 7.22 -15.39
N VAL A 81 -16.14 7.60 -16.48
CA VAL A 81 -14.67 7.72 -16.43
C VAL A 81 -14.26 8.75 -15.38
N SER A 82 -15.17 9.68 -15.04
CA SER A 82 -14.94 10.61 -13.94
C SER A 82 -14.60 9.89 -12.64
N LYS A 83 -15.14 8.67 -12.44
CA LYS A 83 -14.90 7.96 -11.19
C LYS A 83 -13.42 7.66 -10.98
N THR A 84 -12.64 7.54 -12.06
CA THR A 84 -11.20 7.34 -11.88
C THR A 84 -10.56 8.56 -11.20
N PHE A 85 -10.99 9.76 -11.60
CA PHE A 85 -10.53 10.96 -10.92
C PHE A 85 -10.95 10.94 -9.45
N THR A 86 -12.21 10.58 -9.18
CA THR A 86 -12.67 10.54 -7.80
C THR A 86 -11.84 9.56 -7.01
N GLY A 87 -11.56 8.39 -7.62
CA GLY A 87 -10.80 7.38 -6.89
C GLY A 87 -9.42 7.88 -6.56
N VAL A 88 -8.77 8.57 -7.52
CA VAL A 88 -7.42 9.05 -7.30
C VAL A 88 -7.42 10.18 -6.26
N LEU A 89 -8.44 11.06 -6.31
CA LEU A 89 -8.51 12.13 -5.33
C LEU A 89 -8.66 11.53 -3.94
N GLY A 90 -9.47 10.46 -3.83
CA GLY A 90 -9.61 9.79 -2.55
C GLY A 90 -8.30 9.18 -2.11
N GLY A 91 -7.58 8.57 -3.06
CA GLY A 91 -6.28 8.03 -2.74
C GLY A 91 -5.35 9.09 -2.22
N ASP A 92 -5.40 10.28 -2.83
CA ASP A 92 -4.53 11.37 -2.42
C ASP A 92 -4.85 11.76 -0.98
N ALA A 93 -6.15 11.79 -0.63
CA ALA A 93 -6.55 12.14 0.72
C ALA A 93 -6.08 11.09 1.71
N ILE A 94 -6.04 9.83 1.29
CA ILE A 94 -5.50 8.79 2.16
C ILE A 94 -4.02 9.05 2.38
N ALA A 95 -3.30 9.38 1.29
CA ALA A 95 -1.86 9.56 1.38
C ALA A 95 -1.52 10.78 2.23
N ARG A 96 -2.42 11.77 2.25
CA ARG A 96 -2.25 12.96 3.08
C ARG A 96 -2.56 12.70 4.54
N GLY A 97 -3.10 11.53 4.87
CA GLY A 97 -3.49 11.22 6.23
C GLY A 97 -4.82 11.80 6.66
N GLU A 98 -5.62 12.29 5.72
CA GLU A 98 -6.87 12.96 6.06
C GLU A 98 -8.02 11.96 6.28
N ILE A 99 -8.01 10.83 5.57
CA ILE A 99 -9.01 9.79 5.73
C ILE A 99 -8.30 8.44 5.69
N LYS A 100 -9.01 7.41 6.13
CA LYS A 100 -8.61 6.02 5.98
C LYS A 100 -9.77 5.24 5.41
N LEU A 101 -9.49 4.31 4.49
CA LEU A 101 -10.57 3.51 3.89
C LEU A 101 -11.24 2.60 4.91
N SER A 102 -10.55 2.29 6.01
CA SER A 102 -11.16 1.54 7.10
C SER A 102 -12.04 2.41 8.01
N ASP A 103 -12.09 3.72 7.80
CA ASP A 103 -12.92 4.58 8.63
C ASP A 103 -14.41 4.25 8.42
N PRO A 104 -15.21 4.23 9.49
CA PRO A 104 -16.66 4.15 9.31
C PRO A 104 -17.17 5.39 8.57
N THR A 105 -18.19 5.19 7.73
CA THR A 105 -18.80 6.32 7.02
C THR A 105 -19.20 7.40 8.01
N THR A 106 -19.70 7.00 9.19
CA THR A 106 -20.21 7.94 10.18
C THR A 106 -19.13 8.84 10.78
N LYS A 107 -17.85 8.49 10.65
CA LYS A 107 -16.80 9.36 11.14
C LYS A 107 -16.83 10.72 10.43
N TYR A 108 -17.17 10.73 9.14
CA TYR A 108 -17.20 11.96 8.35
C TYR A 108 -18.59 12.49 8.10
N TRP A 109 -19.63 11.76 8.50
CA TRP A 109 -21.01 12.22 8.45
C TRP A 109 -21.72 11.71 9.70
N PRO A 110 -21.43 12.33 10.85
CA PRO A 110 -22.03 11.84 12.10
C PRO A 110 -23.55 11.92 12.14
N GLU A 111 -24.14 12.79 11.32
CA GLU A 111 -25.60 12.88 11.23
C GLU A 111 -26.24 11.63 10.63
N LEU A 112 -25.43 10.71 10.10
CA LEU A 112 -25.93 9.45 9.52
C LEU A 112 -26.06 8.42 10.65
N THR A 113 -27.14 8.54 11.42
CA THR A 113 -27.31 7.79 12.65
C THR A 113 -28.10 6.49 12.50
N ALA A 114 -28.73 6.25 11.35
CA ALA A 114 -29.51 5.03 11.19
C ALA A 114 -28.63 3.80 11.34
N LYS A 115 -29.18 2.75 11.95
CA LYS A 115 -28.38 1.62 12.38
C LYS A 115 -27.82 0.79 11.23
N GLN A 116 -28.40 0.89 10.03
CA GLN A 116 -27.88 0.10 8.92
C GLN A 116 -26.47 0.53 8.52
N TRP A 117 -26.04 1.74 8.93
CA TRP A 117 -24.74 2.27 8.56
C TRP A 117 -23.61 1.72 9.42
N ASN A 118 -23.93 1.03 10.51
CA ASN A 118 -22.89 0.46 11.36
C ASN A 118 -22.18 -0.64 10.59
N GLY A 119 -20.87 -0.50 10.45
CA GLY A 119 -20.07 -1.44 9.71
C GLY A 119 -19.81 -1.08 8.26
N ILE A 120 -20.42 -0.01 7.76
CA ILE A 120 -20.17 0.43 6.38
C ILE A 120 -19.06 1.48 6.42
N THR A 121 -17.95 1.17 5.77
CA THR A 121 -16.74 2.00 5.79
C THR A 121 -16.56 2.72 4.46
N LEU A 122 -15.59 3.63 4.44
CA LEU A 122 -15.29 4.34 3.19
C LEU A 122 -14.87 3.39 2.07
N LEU A 123 -14.20 2.28 2.41
CA LEU A 123 -13.86 1.30 1.38
C LEU A 123 -15.12 0.78 0.69
N HIS A 124 -16.15 0.46 1.48
CA HIS A 124 -17.38 -0.08 0.90
C HIS A 124 -18.00 0.90 -0.07
N LEU A 125 -18.07 2.18 0.33
CA LEU A 125 -18.62 3.19 -0.57
C LEU A 125 -17.81 3.31 -1.84
N ALA A 126 -16.48 3.32 -1.72
CA ALA A 126 -15.63 3.55 -2.86
C ALA A 126 -15.66 2.39 -3.85
N THR A 127 -16.01 1.17 -3.39
CA THR A 127 -15.91 -0.02 -4.21
C THR A 127 -17.28 -0.66 -4.50
N TYR A 128 -18.37 0.04 -4.18
CA TYR A 128 -19.72 -0.43 -4.49
C TYR A 128 -20.15 -1.65 -3.68
N THR A 129 -19.59 -1.84 -2.49
CA THR A 129 -19.84 -3.04 -1.70
C THR A 129 -20.57 -2.75 -0.39
N ALA A 130 -21.22 -1.59 -0.26
CA ALA A 130 -21.88 -1.23 0.99
C ALA A 130 -23.11 -2.07 1.29
N GLY A 131 -23.66 -2.76 0.29
CA GLY A 131 -24.80 -3.63 0.50
C GLY A 131 -26.00 -3.25 -0.33
N GLY A 132 -25.75 -2.70 -1.53
CA GLY A 132 -26.81 -2.42 -2.47
C GLY A 132 -27.30 -0.99 -2.51
N LEU A 133 -26.41 -0.03 -2.32
CA LEU A 133 -26.75 1.36 -2.59
C LEU A 133 -27.17 1.46 -4.06
N PRO A 134 -28.16 2.29 -4.39
CA PRO A 134 -28.74 2.24 -5.74
C PRO A 134 -27.87 2.92 -6.78
N LEU A 135 -28.11 2.52 -8.03
CA LEU A 135 -27.29 2.99 -9.15
C LEU A 135 -27.32 4.51 -9.25
N GLN A 136 -28.50 5.11 -9.10
CA GLN A 136 -28.68 6.54 -9.24
C GLN A 136 -29.20 7.16 -7.94
N VAL A 137 -28.72 8.36 -7.64
CA VAL A 137 -29.41 9.21 -6.67
C VAL A 137 -30.69 9.72 -7.29
N PRO A 138 -31.83 9.69 -6.58
CA PRO A 138 -33.08 10.15 -7.20
C PRO A 138 -33.02 11.62 -7.59
N ASP A 139 -33.74 11.96 -8.66
CA ASP A 139 -33.79 13.35 -9.12
C ASP A 139 -34.35 14.28 -8.06
N GLU A 140 -35.25 13.80 -7.21
CA GLU A 140 -35.85 14.64 -6.18
C GLU A 140 -34.85 15.07 -5.12
N VAL A 141 -33.68 14.44 -5.05
CA VAL A 141 -32.69 14.80 -4.05
C VAL A 141 -31.90 15.99 -4.56
N LYS A 142 -31.97 17.11 -3.84
CA LYS A 142 -31.24 18.32 -4.21
C LYS A 142 -30.38 18.83 -3.06
N SER A 143 -30.98 19.19 -1.93
CA SER A 143 -30.25 19.87 -0.87
C SER A 143 -29.46 18.87 -0.03
N SER A 144 -28.58 19.40 0.83
CA SER A 144 -27.86 18.54 1.76
C SER A 144 -28.82 17.73 2.62
N SER A 145 -29.97 18.31 2.99
CA SER A 145 -30.92 17.60 3.84
C SER A 145 -31.66 16.52 3.06
N ASP A 146 -31.97 16.77 1.79
CA ASP A 146 -32.55 15.73 0.96
C ASP A 146 -31.61 14.53 0.86
N LEU A 147 -30.31 14.79 0.74
CA LEU A 147 -29.33 13.72 0.59
C LEU A 147 -29.19 12.93 1.88
N LEU A 148 -29.09 13.64 3.00
CA LEU A 148 -29.09 12.97 4.31
C LEU A 148 -30.30 12.06 4.45
N ARG A 149 -31.49 12.58 4.11
CA ARG A 149 -32.71 11.79 4.25
C ARG A 149 -32.63 10.54 3.37
N PHE A 150 -32.18 10.70 2.13
CA PHE A 150 -32.05 9.56 1.21
C PHE A 150 -31.17 8.46 1.81
N TYR A 151 -29.99 8.83 2.33
CA TYR A 151 -29.09 7.81 2.86
C TYR A 151 -29.60 7.24 4.18
N GLN A 152 -30.28 8.04 4.99
CA GLN A 152 -30.84 7.54 6.24
C GLN A 152 -31.95 6.51 5.98
N ASN A 153 -32.74 6.71 4.93
N ASN A 153 -32.74 6.72 4.92
CA ASN A 153 -33.88 5.84 4.65
CA ASN A 153 -33.89 5.86 4.64
C ASN A 153 -33.54 4.64 3.78
C ASN A 153 -33.53 4.63 3.81
N TRP A 154 -32.35 4.58 3.22
CA TRP A 154 -31.98 3.45 2.37
C TRP A 154 -31.83 2.19 3.21
N GLN A 155 -32.39 1.09 2.72
CA GLN A 155 -32.31 -0.19 3.41
C GLN A 155 -31.43 -1.15 2.60
N PRO A 156 -30.27 -1.56 3.12
CA PRO A 156 -29.44 -2.51 2.38
C PRO A 156 -30.10 -3.87 2.26
N ALA A 157 -29.94 -4.49 1.10
CA ALA A 157 -30.39 -5.86 0.92
C ALA A 157 -29.38 -6.86 1.49
N TRP A 158 -28.11 -6.47 1.56
CA TRP A 158 -27.05 -7.38 1.92
C TRP A 158 -26.14 -6.76 2.97
N ALA A 159 -25.43 -7.61 3.69
CA ALA A 159 -24.43 -7.14 4.63
C ALA A 159 -23.29 -6.45 3.89
N PRO A 160 -22.60 -5.52 4.55
CA PRO A 160 -21.47 -4.86 3.90
C PRO A 160 -20.40 -5.85 3.49
N GLY A 161 -19.74 -5.55 2.37
CA GLY A 161 -18.60 -6.33 1.95
C GLY A 161 -18.91 -7.72 1.45
N THR A 162 -20.12 -7.95 0.94
CA THR A 162 -20.51 -9.25 0.40
C THR A 162 -20.81 -9.24 -1.08
N GLN A 163 -21.43 -8.18 -1.61
CA GLN A 163 -21.73 -8.13 -3.03
C GLN A 163 -21.42 -6.75 -3.60
N ARG A 164 -21.07 -6.74 -4.89
CA ARG A 164 -20.81 -5.52 -5.65
C ARG A 164 -22.03 -5.19 -6.49
N LEU A 165 -22.48 -3.95 -6.38
CA LEU A 165 -23.56 -3.43 -7.24
C LEU A 165 -23.13 -2.02 -7.64
N TYR A 166 -22.77 -1.83 -8.91
CA TYR A 166 -22.30 -0.55 -9.41
C TYR A 166 -23.30 0.54 -9.04
N ALA A 167 -22.78 1.67 -8.55
CA ALA A 167 -23.67 2.66 -7.94
C ALA A 167 -23.01 4.03 -7.87
N ASN A 168 -23.65 5.01 -8.52
CA ASN A 168 -23.24 6.40 -8.36
C ASN A 168 -23.43 6.88 -6.92
N SER A 169 -24.47 6.40 -6.25
CA SER A 169 -24.73 6.83 -4.88
C SER A 169 -23.70 6.29 -3.90
N SER A 170 -22.87 5.33 -4.32
CA SER A 170 -21.84 4.75 -3.46
C SER A 170 -20.55 5.55 -3.63
N ILE A 171 -19.96 5.47 -4.83
CA ILE A 171 -18.70 6.18 -5.03
C ILE A 171 -18.87 7.70 -4.93
N GLY A 172 -20.06 8.22 -5.29
CA GLY A 172 -20.29 9.65 -5.16
C GLY A 172 -20.24 10.12 -3.72
N LEU A 173 -20.86 9.37 -2.82
CA LEU A 173 -20.76 9.69 -1.40
C LEU A 173 -19.31 9.58 -0.94
N PHE A 174 -18.60 8.54 -1.38
CA PHE A 174 -17.19 8.44 -1.03
C PHE A 174 -16.44 9.71 -1.40
N GLY A 175 -16.65 10.22 -2.61
CA GLY A 175 -15.95 11.41 -3.04
C GLY A 175 -16.31 12.62 -2.20
N ALA A 176 -17.59 12.77 -1.88
CA ALA A 176 -18.02 13.92 -1.09
C ALA A 176 -17.41 13.87 0.31
N LEU A 177 -17.37 12.68 0.91
CA LEU A 177 -16.84 12.57 2.27
C LEU A 177 -15.32 12.64 2.30
N ALA A 178 -14.66 12.14 1.25
CA ALA A 178 -13.20 12.09 1.24
C ALA A 178 -12.57 13.48 1.32
N VAL A 179 -13.27 14.50 0.81
CA VAL A 179 -12.71 15.85 0.82
C VAL A 179 -13.11 16.65 2.06
N LYS A 180 -13.93 16.10 2.95
CA LYS A 180 -14.41 16.90 4.08
C LYS A 180 -13.29 17.38 4.97
N PRO A 181 -12.33 16.54 5.38
CA PRO A 181 -11.24 17.07 6.24
C PRO A 181 -10.46 18.21 5.62
N SER A 182 -10.28 18.22 4.30
CA SER A 182 -9.54 19.28 3.65
C SER A 182 -10.22 20.64 3.81
N GLY A 183 -11.52 20.67 4.06
CA GLY A 183 -12.27 21.89 4.06
C GLY A 183 -12.62 22.43 2.69
N LEU A 184 -12.07 21.84 1.63
CA LEU A 184 -12.31 22.33 0.28
C LEU A 184 -13.58 21.71 -0.28
N SER A 185 -14.21 22.44 -1.21
CA SER A 185 -15.25 21.85 -2.02
C SER A 185 -14.64 20.73 -2.84
N PHE A 186 -15.49 19.81 -3.30
CA PHE A 186 -14.99 18.71 -4.13
C PHE A 186 -14.29 19.25 -5.38
N GLU A 187 -14.91 20.22 -6.05
CA GLU A 187 -14.30 20.79 -7.25
C GLU A 187 -12.97 21.46 -6.94
N GLN A 188 -12.89 22.24 -5.87
CA GLN A 188 -11.63 22.91 -5.54
C GLN A 188 -10.54 21.91 -5.19
N ALA A 189 -10.89 20.85 -4.45
CA ALA A 189 -9.92 19.82 -4.10
C ALA A 189 -9.42 19.12 -5.36
N MET A 190 -10.34 18.77 -6.26
CA MET A 190 -9.94 18.12 -7.51
C MET A 190 -9.01 19.00 -8.33
N GLN A 191 -9.36 20.29 -8.45
N GLN A 191 -9.35 20.29 -8.44
CA GLN A 191 -8.54 21.22 -9.22
CA GLN A 191 -8.53 21.20 -9.23
C GLN A 191 -7.15 21.34 -8.61
C GLN A 191 -7.14 21.35 -8.62
N THR A 192 -7.07 21.61 -7.30
CA THR A 192 -5.80 21.90 -6.67
C THR A 192 -4.92 20.66 -6.55
N ARG A 193 -5.52 19.50 -6.28
CA ARG A 193 -4.76 18.32 -5.91
C ARG A 193 -4.58 17.31 -7.03
N VAL A 194 -5.37 17.38 -8.10
CA VAL A 194 -5.24 16.43 -9.21
C VAL A 194 -5.04 17.15 -10.54
N PHE A 195 -5.98 17.99 -10.96
CA PHE A 195 -5.89 18.59 -12.29
C PHE A 195 -4.65 19.46 -12.42
N GLN A 196 -4.47 20.42 -11.51
CA GLN A 196 -3.36 21.37 -11.65
C GLN A 196 -2.01 20.69 -11.61
N PRO A 197 -1.71 19.83 -10.63
CA PRO A 197 -0.37 19.19 -10.60
C PRO A 197 -0.04 18.40 -11.85
N LEU A 198 -1.04 17.77 -12.47
CA LEU A 198 -0.85 16.97 -13.69
C LEU A 198 -0.97 17.79 -14.96
N LYS A 199 -1.17 19.10 -14.85
CA LYS A 199 -1.29 19.99 -16.02
C LYS A 199 -2.49 19.63 -16.89
N LEU A 200 -3.58 19.21 -16.24
CA LEU A 200 -4.85 19.00 -16.94
C LEU A 200 -5.60 20.32 -16.90
N ASN A 201 -5.18 21.23 -17.79
CA ASN A 201 -5.68 22.60 -17.77
C ASN A 201 -6.93 22.82 -18.62
N HIS A 202 -7.43 21.78 -19.30
CA HIS A 202 -8.67 21.82 -20.04
C HIS A 202 -9.56 20.67 -19.64
N THR A 203 -9.61 20.41 -18.33
CA THR A 203 -10.44 19.38 -17.71
C THR A 203 -11.25 20.08 -16.63
N TRP A 204 -12.56 19.85 -16.65
CA TRP A 204 -13.48 20.68 -15.87
C TRP A 204 -14.61 19.86 -15.27
N ILE A 205 -15.03 20.25 -14.08
CA ILE A 205 -16.28 19.76 -13.49
C ILE A 205 -17.45 20.63 -13.95
N ASN A 206 -17.23 21.94 -14.05
CA ASN A 206 -18.16 22.86 -14.67
C ASN A 206 -17.42 23.59 -15.79
N VAL A 207 -17.95 23.51 -17.01
CA VAL A 207 -17.27 24.10 -18.16
C VAL A 207 -17.37 25.61 -18.09
N PRO A 208 -16.25 26.34 -18.04
CA PRO A 208 -16.35 27.81 -17.95
C PRO A 208 -16.80 28.41 -19.25
N PRO A 209 -17.42 29.60 -19.22
CA PRO A 209 -17.86 30.25 -20.47
C PRO A 209 -16.76 30.35 -21.50
N ALA A 210 -15.53 30.62 -21.06
CA ALA A 210 -14.42 30.78 -22.00
C ALA A 210 -14.18 29.53 -22.82
N GLU A 211 -14.57 28.37 -22.33
CA GLU A 211 -14.34 27.11 -23.02
C GLU A 211 -15.57 26.61 -23.75
N GLU A 212 -16.69 27.34 -23.72
CA GLU A 212 -17.90 26.80 -24.34
C GLU A 212 -17.72 26.54 -25.84
N LYS A 213 -16.85 27.32 -26.51
CA LYS A 213 -16.60 27.13 -27.93
C LYS A 213 -16.07 25.73 -28.23
N ASN A 214 -15.46 25.06 -27.25
CA ASN A 214 -14.85 23.75 -27.45
C ASN A 214 -15.71 22.60 -26.91
N TYR A 215 -16.85 22.88 -26.28
CA TYR A 215 -17.66 21.85 -25.63
C TYR A 215 -18.53 21.20 -26.68
N ALA A 216 -18.21 19.96 -27.03
CA ALA A 216 -19.05 19.22 -27.96
C ALA A 216 -20.46 19.05 -27.42
N TRP A 217 -21.40 18.93 -28.35
CA TRP A 217 -22.75 18.49 -28.03
C TRP A 217 -22.79 16.97 -28.07
N GLY A 218 -23.47 16.36 -27.10
CA GLY A 218 -23.80 14.96 -27.20
C GLY A 218 -25.00 14.77 -28.10
N TYR A 219 -25.17 13.56 -28.64
CA TYR A 219 -26.32 13.28 -29.50
C TYR A 219 -27.06 12.06 -29.02
N ARG A 220 -28.35 12.24 -28.72
N ARG A 220 -28.34 12.24 -28.71
CA ARG A 220 -29.22 11.16 -28.28
CA ARG A 220 -29.21 11.15 -28.29
C ARG A 220 -30.47 11.19 -29.14
C ARG A 220 -30.47 11.20 -29.14
N GLU A 221 -30.72 10.12 -29.88
CA GLU A 221 -31.85 10.06 -30.79
C GLU A 221 -31.86 11.26 -31.72
N GLY A 222 -30.67 11.68 -32.14
CA GLY A 222 -30.51 12.80 -33.05
C GLY A 222 -30.58 14.18 -32.42
N LYS A 223 -30.89 14.29 -31.14
CA LYS A 223 -31.01 15.59 -30.49
C LYS A 223 -29.70 15.92 -29.76
N ALA A 224 -29.28 17.19 -29.87
CA ALA A 224 -28.11 17.66 -29.14
C ALA A 224 -28.45 17.85 -27.67
N VAL A 225 -27.64 17.25 -26.80
CA VAL A 225 -27.88 17.22 -25.37
C VAL A 225 -26.58 17.32 -24.59
N HIS A 226 -26.67 17.94 -23.42
CA HIS A 226 -25.62 17.95 -22.42
C HIS A 226 -26.15 17.35 -21.13
N VAL A 227 -25.24 16.84 -20.31
CA VAL A 227 -25.63 16.21 -19.05
C VAL A 227 -26.32 17.23 -18.16
N SER A 228 -27.39 16.78 -17.45
N SER A 228 -27.37 16.79 -17.45
CA SER A 228 -28.15 17.66 -16.55
CA SER A 228 -28.11 17.69 -16.59
C SER A 228 -27.56 17.63 -15.15
C SER A 228 -27.57 17.63 -15.16
N PRO A 229 -27.73 18.70 -14.38
CA PRO A 229 -27.25 18.69 -13.00
C PRO A 229 -27.98 17.65 -12.17
N GLY A 230 -27.29 17.17 -11.15
CA GLY A 230 -27.88 16.22 -10.22
C GLY A 230 -27.02 16.10 -9.00
N ALA A 231 -27.60 15.51 -7.95
CA ALA A 231 -26.87 15.33 -6.70
C ALA A 231 -25.68 14.40 -6.92
N LEU A 232 -24.53 14.78 -6.34
CA LEU A 232 -23.29 14.02 -6.44
C LEU A 232 -22.86 13.80 -7.90
N ASP A 233 -23.24 14.72 -8.79
CA ASP A 233 -22.84 14.61 -10.18
C ASP A 233 -21.34 14.80 -10.35
N ALA A 234 -20.76 15.81 -9.69
CA ALA A 234 -19.32 16.03 -9.83
C ALA A 234 -18.53 14.79 -9.46
N GLU A 235 -18.96 14.11 -8.38
CA GLU A 235 -18.21 13.01 -7.80
C GLU A 235 -18.37 11.72 -8.59
N ALA A 236 -19.49 11.55 -9.30
CA ALA A 236 -19.79 10.29 -9.95
C ALA A 236 -19.69 10.32 -11.46
N TYR A 237 -20.02 11.44 -12.11
CA TYR A 237 -20.04 11.43 -13.58
C TYR A 237 -19.83 12.82 -14.19
N GLY A 238 -19.22 13.77 -13.51
CA GLY A 238 -19.29 15.16 -13.92
C GLY A 238 -18.14 15.77 -14.68
N VAL A 239 -17.10 15.03 -14.99
CA VAL A 239 -15.90 15.63 -15.59
C VAL A 239 -16.03 15.68 -17.11
N LYS A 240 -15.56 16.80 -17.68
CA LYS A 240 -15.46 16.99 -19.12
C LYS A 240 -13.99 17.26 -19.44
N SER A 241 -13.51 16.71 -20.57
CA SER A 241 -12.07 16.80 -20.84
C SER A 241 -11.79 16.65 -22.33
N THR A 242 -10.57 17.04 -22.71
CA THR A 242 -10.10 16.92 -24.08
C THR A 242 -9.32 15.61 -24.27
N ILE A 243 -9.10 15.24 -25.53
CA ILE A 243 -8.31 14.05 -25.80
C ILE A 243 -6.86 14.22 -25.34
N GLU A 244 -6.32 15.45 -25.42
CA GLU A 244 -4.96 15.68 -24.94
C GLU A 244 -4.86 15.51 -23.43
N ASP A 245 -5.79 16.10 -22.68
CA ASP A 245 -5.75 15.95 -21.23
C ASP A 245 -5.97 14.49 -20.82
N MET A 246 -6.86 13.77 -21.50
CA MET A 246 -7.07 12.35 -21.17
C MET A 246 -5.86 11.51 -21.49
N ALA A 247 -5.17 11.80 -22.60
CA ALA A 247 -3.89 11.14 -22.86
C ALA A 247 -2.92 11.37 -21.70
N ARG A 248 -2.88 12.61 -21.20
CA ARG A 248 -2.01 12.91 -20.06
C ARG A 248 -2.44 12.15 -18.81
N TRP A 249 -3.75 12.04 -18.57
CA TRP A 249 -4.26 11.24 -17.46
C TRP A 249 -3.81 9.79 -17.56
N VAL A 250 -3.89 9.21 -18.77
CA VAL A 250 -3.45 7.84 -18.96
C VAL A 250 -1.95 7.72 -18.68
N GLN A 251 -1.15 8.65 -19.21
CA GLN A 251 0.28 8.62 -18.95
C GLN A 251 0.56 8.68 -17.45
N SER A 252 -0.16 9.52 -16.72
CA SER A 252 0.07 9.67 -15.29
C SER A 252 -0.28 8.39 -14.56
N ASN A 253 -1.32 7.68 -15.01
CA ASN A 253 -1.70 6.43 -14.37
C ASN A 253 -0.80 5.26 -14.80
N LEU A 254 -0.18 5.34 -15.98
CA LEU A 254 0.75 4.30 -16.42
C LEU A 254 2.06 4.37 -15.64
N LYS A 255 2.52 5.59 -15.36
CA LYS A 255 3.83 5.85 -14.77
C LYS A 255 3.68 6.78 -13.58
N PRO A 256 3.02 6.34 -12.52
CA PRO A 256 2.85 7.21 -11.35
C PRO A 256 4.16 7.62 -10.70
N LEU A 257 5.23 6.84 -10.89
CA LEU A 257 6.49 7.17 -10.22
C LEU A 257 7.13 8.42 -10.81
N ASP A 258 6.72 8.85 -12.00
CA ASP A 258 7.20 10.09 -12.59
C ASP A 258 6.56 11.33 -11.96
N ILE A 259 5.55 11.17 -11.12
CA ILE A 259 4.80 12.29 -10.56
C ILE A 259 5.53 12.80 -9.32
N ASN A 260 5.77 14.11 -9.27
CA ASN A 260 6.63 14.67 -8.23
C ASN A 260 5.90 14.90 -6.92
N GLU A 261 4.58 15.10 -6.96
CA GLU A 261 3.80 15.31 -5.74
C GLU A 261 3.60 13.96 -5.07
N LYS A 262 4.18 13.79 -3.88
CA LYS A 262 4.27 12.48 -3.25
C LYS A 262 2.89 11.89 -2.99
N THR A 263 1.98 12.69 -2.43
CA THR A 263 0.66 12.14 -2.09
C THR A 263 -0.13 11.78 -3.34
N LEU A 264 0.06 12.50 -4.44
CA LEU A 264 -0.67 12.16 -5.66
C LEU A 264 -0.15 10.87 -6.28
N GLN A 265 1.18 10.72 -6.35
CA GLN A 265 1.77 9.44 -6.77
C GLN A 265 1.22 8.29 -5.95
N GLN A 266 1.20 8.46 -4.63
CA GLN A 266 0.68 7.41 -3.75
C GLN A 266 -0.81 7.17 -3.99
N GLY A 267 -1.58 8.23 -4.19
CA GLY A 267 -3.01 8.06 -4.43
C GLY A 267 -3.32 7.32 -5.72
N ILE A 268 -2.55 7.59 -6.77
CA ILE A 268 -2.68 6.84 -8.01
C ILE A 268 -2.38 5.36 -7.78
N GLN A 269 -1.32 5.07 -7.02
CA GLN A 269 -1.02 3.67 -6.70
C GLN A 269 -2.17 3.02 -5.94
N LEU A 270 -2.73 3.73 -4.96
CA LEU A 270 -3.81 3.18 -4.15
C LEU A 270 -5.05 2.90 -5.01
N ALA A 271 -5.33 3.74 -6.01
CA ALA A 271 -6.52 3.54 -6.82
C ALA A 271 -6.40 2.32 -7.73
N GLN A 272 -5.20 1.86 -8.05
CA GLN A 272 -4.99 0.66 -8.84
C GLN A 272 -4.74 -0.58 -7.99
N SER A 273 -4.84 -0.46 -6.67
CA SER A 273 -4.78 -1.66 -5.83
C SER A 273 -6.05 -2.48 -6.02
N ARG A 274 -5.92 -3.80 -5.78
CA ARG A 274 -6.99 -4.76 -5.97
C ARG A 274 -7.64 -5.08 -4.63
N TYR A 275 -8.88 -4.62 -4.45
CA TYR A 275 -9.58 -4.71 -3.17
C TYR A 275 -10.59 -5.84 -3.11
N TRP A 276 -11.19 -6.19 -4.24
CA TRP A 276 -12.23 -7.22 -4.32
C TRP A 276 -12.08 -7.93 -5.66
N GLN A 277 -12.46 -9.20 -5.69
CA GLN A 277 -12.49 -9.96 -6.93
C GLN A 277 -13.89 -10.49 -7.18
N THR A 278 -14.36 -10.36 -8.42
CA THR A 278 -15.54 -11.08 -8.90
C THR A 278 -15.21 -11.64 -10.28
N GLY A 279 -15.26 -12.95 -10.41
CA GLY A 279 -14.86 -13.59 -11.66
C GLY A 279 -13.42 -13.24 -11.98
N ASP A 280 -13.22 -12.69 -13.18
CA ASP A 280 -11.90 -12.31 -13.64
C ASP A 280 -11.56 -10.86 -13.35
N MET A 281 -12.45 -10.10 -12.72
CA MET A 281 -12.23 -8.68 -12.55
C MET A 281 -11.91 -8.36 -11.08
N TYR A 282 -11.09 -7.34 -10.93
CA TYR A 282 -10.66 -6.83 -9.65
C TYR A 282 -11.08 -5.37 -9.58
N GLN A 283 -11.56 -4.96 -8.41
CA GLN A 283 -12.08 -3.61 -8.21
C GLN A 283 -11.04 -2.75 -7.52
N GLY A 284 -10.66 -1.64 -8.16
CA GLY A 284 -9.85 -0.61 -7.55
C GLY A 284 -10.70 0.54 -7.04
N LEU A 285 -10.06 1.70 -6.87
CA LEU A 285 -10.79 2.93 -6.58
C LEU A 285 -11.06 3.63 -7.91
N GLY A 286 -12.29 3.50 -8.39
CA GLY A 286 -12.64 3.99 -9.70
C GLY A 286 -12.17 3.06 -10.81
N TRP A 287 -10.87 2.81 -10.89
CA TRP A 287 -10.36 1.90 -11.91
C TRP A 287 -10.83 0.47 -11.64
N GLU A 288 -11.00 -0.29 -12.73
CA GLU A 288 -11.21 -1.74 -12.67
C GLU A 288 -10.08 -2.41 -13.43
N MET A 289 -9.76 -3.66 -13.05
CA MET A 289 -8.56 -4.31 -13.58
C MET A 289 -8.80 -5.79 -13.85
N LEU A 290 -8.09 -6.30 -14.85
CA LEU A 290 -8.01 -7.74 -15.10
C LEU A 290 -6.54 -8.08 -15.32
N ASP A 291 -6.20 -9.34 -15.09
CA ASP A 291 -4.83 -9.76 -15.37
C ASP A 291 -4.58 -9.78 -16.87
N TRP A 292 -3.40 -9.32 -17.29
CA TRP A 292 -2.94 -9.37 -18.66
C TRP A 292 -1.94 -10.51 -18.81
N PRO A 293 -2.01 -11.35 -19.86
CA PRO A 293 -2.93 -11.30 -21.02
C PRO A 293 -4.38 -11.62 -20.68
N VAL A 294 -5.32 -10.94 -21.35
CA VAL A 294 -6.75 -11.00 -20.99
C VAL A 294 -7.54 -11.25 -22.27
N ASN A 295 -8.49 -12.16 -22.18
CA ASN A 295 -9.40 -12.40 -23.29
C ASN A 295 -10.44 -11.28 -23.41
N PRO A 296 -10.73 -10.81 -24.63
CA PRO A 296 -11.70 -9.72 -24.75
C PRO A 296 -13.09 -10.06 -24.26
N ASP A 297 -13.49 -11.30 -24.51
CA ASP A 297 -14.80 -11.76 -24.04
C ASP A 297 -14.88 -11.65 -22.53
N SER A 298 -13.80 -12.02 -21.84
CA SER A 298 -13.77 -11.88 -20.38
C SER A 298 -13.92 -10.43 -19.97
N ILE A 299 -13.25 -9.52 -20.68
CA ILE A 299 -13.39 -8.09 -20.37
C ILE A 299 -14.84 -7.66 -20.48
N ILE A 300 -15.50 -8.09 -21.56
CA ILE A 300 -16.91 -7.73 -21.76
C ILE A 300 -17.87 -8.48 -20.85
N ASN A 301 -17.43 -9.55 -20.19
CA ASN A 301 -18.33 -10.32 -19.34
C ASN A 301 -18.83 -9.55 -18.13
N GLY A 302 -18.12 -8.49 -17.73
CA GLY A 302 -18.61 -7.62 -16.68
C GLY A 302 -19.18 -6.33 -17.23
N ILE A 307 -24.75 -3.96 -20.03
CA ILE A 307 -26.15 -3.72 -20.41
C ILE A 307 -27.11 -4.18 -19.31
N ALA A 308 -26.65 -5.10 -18.48
CA ALA A 308 -27.45 -5.67 -17.39
C ALA A 308 -26.86 -5.19 -16.07
N LEU A 309 -27.72 -4.65 -15.20
CA LEU A 309 -27.29 -4.25 -13.86
C LEU A 309 -27.19 -5.52 -13.03
N ALA A 310 -25.96 -5.87 -12.65
CA ALA A 310 -25.68 -7.16 -12.04
C ALA A 310 -25.24 -7.01 -10.58
N ALA A 311 -25.91 -7.77 -9.72
CA ALA A 311 -25.44 -7.97 -8.35
C ALA A 311 -24.51 -9.18 -8.34
N ARG A 312 -23.26 -8.95 -7.96
CA ARG A 312 -22.21 -9.96 -8.07
C ARG A 312 -21.53 -10.17 -6.72
N PRO A 313 -21.56 -11.38 -6.16
CA PRO A 313 -20.82 -11.64 -4.93
C PRO A 313 -19.33 -11.38 -5.14
N VAL A 314 -18.69 -10.79 -4.13
CA VAL A 314 -17.27 -10.50 -4.21
C VAL A 314 -16.51 -11.23 -3.10
N LYS A 315 -15.24 -11.52 -3.41
CA LYS A 315 -14.28 -12.08 -2.48
C LYS A 315 -13.32 -10.96 -2.08
N ALA A 316 -13.13 -10.77 -0.79
CA ALA A 316 -12.21 -9.75 -0.31
C ALA A 316 -10.78 -10.16 -0.61
N ILE A 317 -9.96 -9.21 -1.00
CA ILE A 317 -8.52 -9.40 -1.17
C ILE A 317 -7.87 -8.81 0.08
N THR A 318 -7.44 -9.70 0.97
CA THR A 318 -7.09 -9.32 2.34
C THR A 318 -5.63 -9.63 2.59
N PRO A 319 -4.72 -8.64 2.58
CA PRO A 319 -4.94 -7.21 2.30
C PRO A 319 -4.92 -6.96 0.79
N PRO A 320 -5.25 -5.74 0.35
CA PRO A 320 -5.29 -5.47 -1.09
C PRO A 320 -3.93 -5.65 -1.76
N THR A 321 -3.96 -6.18 -2.99
CA THR A 321 -2.74 -6.35 -3.78
C THR A 321 -2.31 -5.01 -4.36
N PRO A 322 -1.05 -4.60 -4.16
CA PRO A 322 -0.61 -3.36 -4.81
C PRO A 322 -0.73 -3.47 -6.32
N ALA A 323 -0.85 -2.31 -6.97
CA ALA A 323 -1.03 -2.23 -8.41
C ALA A 323 -0.15 -3.23 -9.14
N VAL A 324 -0.78 -4.07 -9.96
CA VAL A 324 -0.11 -5.12 -10.72
C VAL A 324 0.19 -4.59 -12.11
N ARG A 325 1.47 -4.64 -12.51
CA ARG A 325 1.86 -4.00 -13.76
C ARG A 325 1.32 -4.73 -14.98
N ALA A 326 1.27 -6.07 -14.93
CA ALA A 326 0.70 -6.85 -16.02
C ALA A 326 -0.82 -6.92 -15.86
N SER A 327 -1.46 -5.78 -16.04
CA SER A 327 -2.90 -5.68 -15.94
C SER A 327 -3.46 -4.95 -17.15
N TRP A 328 -4.70 -5.28 -17.49
CA TRP A 328 -5.56 -4.42 -18.30
C TRP A 328 -6.35 -3.59 -17.31
N VAL A 329 -6.02 -2.30 -17.20
CA VAL A 329 -6.69 -1.36 -16.31
C VAL A 329 -7.63 -0.52 -17.17
N HIS A 330 -8.89 -0.40 -16.77
CA HIS A 330 -9.82 0.26 -17.67
C HIS A 330 -11.02 0.84 -16.91
N LYS A 331 -11.75 1.68 -17.66
CA LYS A 331 -13.04 2.21 -17.22
C LYS A 331 -13.83 2.68 -18.43
N THR A 332 -15.10 2.30 -18.47
CA THR A 332 -16.04 2.82 -19.48
C THR A 332 -16.89 3.91 -18.85
N GLY A 333 -17.41 4.78 -19.68
CA GLY A 333 -18.25 5.87 -19.21
C GLY A 333 -19.28 6.27 -20.23
N ALA A 334 -20.39 6.80 -19.75
CA ALA A 334 -21.40 7.32 -20.66
C ALA A 334 -22.16 8.45 -20.00
N THR A 335 -22.74 9.29 -20.85
CA THR A 335 -23.86 10.14 -20.45
C THR A 335 -24.93 9.96 -21.53
N GLY A 336 -26.07 10.64 -21.33
CA GLY A 336 -27.13 10.55 -22.30
C GLY A 336 -26.63 10.69 -23.72
N GLY A 337 -25.68 11.58 -23.94
CA GLY A 337 -25.20 11.88 -25.27
C GLY A 337 -23.75 11.52 -25.56
N PHE A 338 -23.06 10.83 -24.65
CA PHE A 338 -21.63 10.60 -24.85
C PHE A 338 -21.24 9.18 -24.44
N GLY A 339 -20.15 8.69 -25.05
CA GLY A 339 -19.58 7.39 -24.74
C GLY A 339 -18.06 7.46 -24.71
N SER A 340 -17.46 7.03 -23.61
N SER A 340 -17.46 7.06 -23.59
CA SER A 340 -16.03 7.15 -23.39
CA SER A 340 -16.03 7.17 -23.38
C SER A 340 -15.46 5.83 -22.90
C SER A 340 -15.46 5.84 -22.91
N TYR A 341 -14.17 5.63 -23.19
CA TYR A 341 -13.50 4.43 -22.75
C TYR A 341 -12.01 4.73 -22.58
N VAL A 342 -11.44 4.23 -21.49
CA VAL A 342 -10.00 4.33 -21.26
C VAL A 342 -9.48 2.96 -20.86
N ALA A 343 -8.33 2.57 -21.44
CA ALA A 343 -7.67 1.35 -21.02
C ALA A 343 -6.16 1.47 -21.17
N PHE A 344 -5.42 0.82 -20.26
CA PHE A 344 -3.97 0.85 -20.36
C PHE A 344 -3.38 -0.41 -19.72
N ILE A 345 -2.14 -0.70 -20.13
CA ILE A 345 -1.41 -1.88 -19.66
C ILE A 345 -0.06 -1.38 -19.13
N PRO A 346 0.09 -1.21 -17.81
CA PRO A 346 1.33 -0.59 -17.30
C PRO A 346 2.61 -1.29 -17.74
N GLU A 347 2.60 -2.62 -17.81
CA GLU A 347 3.81 -3.37 -18.13
C GLU A 347 4.33 -3.03 -19.52
N LYS A 348 3.46 -2.64 -20.44
CA LYS A 348 3.86 -2.42 -21.82
C LYS A 348 3.87 -0.94 -22.22
N GLU A 349 3.63 -0.02 -21.28
CA GLU A 349 3.69 1.41 -21.55
C GLU A 349 2.70 1.80 -22.66
N LEU A 350 1.53 1.17 -22.63
CA LEU A 350 0.57 1.23 -23.73
C LEU A 350 -0.80 1.59 -23.19
N GLY A 351 -1.49 2.48 -23.90
CA GLY A 351 -2.81 2.91 -23.46
C GLY A 351 -3.61 3.50 -24.59
N ILE A 352 -4.91 3.69 -24.32
CA ILE A 352 -5.83 4.21 -25.32
C ILE A 352 -6.95 4.96 -24.60
N VAL A 353 -7.38 6.05 -25.24
CA VAL A 353 -8.55 6.82 -24.85
C VAL A 353 -9.42 6.96 -26.08
N MET A 354 -10.72 6.67 -25.94
CA MET A 354 -11.70 6.82 -27.00
C MET A 354 -12.85 7.67 -26.46
N LEU A 355 -13.07 8.84 -27.06
CA LEU A 355 -14.13 9.77 -26.65
C LEU A 355 -15.06 10.00 -27.83
N ALA A 356 -16.36 9.85 -27.60
CA ALA A 356 -17.36 9.97 -28.65
C ALA A 356 -18.57 10.73 -28.12
N ASN A 357 -19.21 11.50 -29.01
CA ASN A 357 -20.42 12.24 -28.65
C ASN A 357 -21.70 11.52 -29.06
N LYS A 358 -21.70 10.20 -28.85
CA LYS A 358 -22.91 9.38 -28.83
C LYS A 358 -22.63 8.22 -27.87
N ASN A 359 -23.65 7.85 -27.08
CA ASN A 359 -23.55 6.73 -26.15
C ASN A 359 -23.84 5.44 -26.91
N TYR A 360 -22.80 4.77 -27.38
CA TYR A 360 -22.90 3.53 -28.13
C TYR A 360 -22.48 2.34 -27.28
N PRO A 361 -22.80 1.11 -27.70
CA PRO A 361 -22.69 -0.02 -26.78
C PRO A 361 -21.28 -0.31 -26.31
N ASN A 362 -21.16 -0.67 -25.02
CA ASN A 362 -19.86 -0.91 -24.42
C ASN A 362 -19.06 -2.01 -25.11
N PRO A 363 -19.65 -3.16 -25.50
CA PRO A 363 -18.85 -4.19 -26.16
C PRO A 363 -18.09 -3.69 -27.38
N ALA A 364 -18.71 -2.78 -28.16
CA ALA A 364 -18.02 -2.24 -29.32
C ALA A 364 -16.79 -1.43 -28.92
N ARG A 365 -16.90 -0.67 -27.82
CA ARG A 365 -15.75 0.07 -27.30
C ARG A 365 -14.63 -0.86 -26.92
N VAL A 366 -14.95 -1.88 -26.11
CA VAL A 366 -13.93 -2.81 -25.66
C VAL A 366 -13.30 -3.56 -26.84
N ASP A 367 -14.13 -4.01 -27.79
CA ASP A 367 -13.61 -4.72 -28.94
C ASP A 367 -12.59 -3.87 -29.69
N ALA A 368 -12.93 -2.59 -29.93
CA ALA A 368 -12.05 -1.70 -30.68
C ALA A 368 -10.74 -1.44 -29.92
N ALA A 369 -10.85 -1.10 -28.63
CA ALA A 369 -9.66 -0.87 -27.83
C ALA A 369 -8.75 -2.10 -27.81
N TRP A 370 -9.33 -3.29 -27.68
CA TRP A 370 -8.50 -4.49 -27.61
C TRP A 370 -7.84 -4.77 -28.95
N GLN A 371 -8.57 -4.57 -30.05
CA GLN A 371 -7.98 -4.74 -31.37
C GLN A 371 -6.75 -3.85 -31.53
N ILE A 372 -6.86 -2.58 -31.13
CA ILE A 372 -5.76 -1.64 -31.29
C ILE A 372 -4.57 -2.01 -30.40
N LEU A 373 -4.82 -2.15 -29.09
CA LEU A 373 -3.73 -2.40 -28.16
C LEU A 373 -3.07 -3.76 -28.40
N ASN A 374 -3.86 -4.79 -28.68
CA ASN A 374 -3.28 -6.10 -28.99
C ASN A 374 -2.42 -6.01 -30.25
N ALA A 375 -2.84 -5.23 -31.25
CA ALA A 375 -2.00 -5.09 -32.43
C ALA A 375 -0.68 -4.43 -32.10
N LEU A 376 -0.68 -3.48 -31.16
CA LEU A 376 0.54 -2.72 -30.89
C LEU A 376 1.44 -3.31 -29.81
N GLN A 377 1.00 -4.32 -29.07
CA GLN A 377 1.85 -4.88 -28.02
C GLN A 377 2.74 -5.99 -28.58
N ALA B 20 29.17 15.98 17.75
CA ALA B 20 27.71 16.00 17.83
C ALA B 20 27.24 17.27 18.54
N PRO B 21 26.06 17.77 18.17
CA PRO B 21 25.48 18.89 18.90
C PRO B 21 25.46 18.63 20.41
N GLN B 22 25.60 19.71 21.18
CA GLN B 22 25.70 19.56 22.63
C GLN B 22 24.46 18.91 23.22
N GLN B 23 23.27 19.25 22.69
CA GLN B 23 22.04 18.66 23.20
C GLN B 23 22.09 17.13 23.12
N ILE B 24 22.56 16.61 21.99
CA ILE B 24 22.60 15.17 21.80
C ILE B 24 23.61 14.52 22.73
N ASN B 25 24.85 15.02 22.72
CA ASN B 25 25.88 14.47 23.60
C ASN B 25 25.41 14.49 25.06
N ASP B 26 24.82 15.60 25.49
CA ASP B 26 24.40 15.74 26.89
C ASP B 26 23.38 14.69 27.26
N ILE B 27 22.30 14.58 26.48
CA ILE B 27 21.24 13.64 26.88
C ILE B 27 21.70 12.20 26.76
N VAL B 28 22.52 11.88 25.74
CA VAL B 28 23.01 10.51 25.63
C VAL B 28 23.92 10.17 26.81
N HIS B 29 24.88 11.04 27.13
CA HIS B 29 25.76 10.75 28.26
C HIS B 29 25.00 10.64 29.56
N ARG B 30 23.96 11.46 29.75
CA ARG B 30 23.19 11.41 30.99
C ARG B 30 22.29 10.19 31.07
N THR B 31 21.92 9.59 29.95
CA THR B 31 20.99 8.46 29.94
C THR B 31 21.68 7.11 29.78
N ILE B 32 22.52 6.95 28.75
CA ILE B 32 23.12 5.66 28.43
C ILE B 32 24.26 5.31 29.39
N THR B 33 25.14 6.26 29.72
CA THR B 33 26.26 5.91 30.60
C THR B 33 25.78 5.34 31.93
N PRO B 34 24.81 5.94 32.62
CA PRO B 34 24.30 5.31 33.85
C PRO B 34 23.55 4.01 33.61
N LEU B 35 22.87 3.88 32.47
CA LEU B 35 22.23 2.61 32.16
C LEU B 35 23.25 1.49 32.11
N ILE B 36 24.40 1.75 31.47
CA ILE B 36 25.46 0.77 31.38
C ILE B 36 25.95 0.39 32.77
N GLU B 37 26.11 1.39 33.66
CA GLU B 37 26.52 1.05 35.02
C GLU B 37 25.45 0.22 35.74
N GLN B 38 24.18 0.58 35.58
CA GLN B 38 23.11 -0.09 36.32
C GLN B 38 22.95 -1.54 35.86
N GLN B 39 23.08 -1.79 34.56
CA GLN B 39 22.83 -3.11 34.00
C GLN B 39 24.10 -3.92 33.82
N LYS B 40 25.26 -3.36 34.15
CA LYS B 40 26.55 -4.03 34.03
C LYS B 40 26.78 -4.53 32.61
N ILE B 41 26.54 -3.65 31.65
CA ILE B 41 26.71 -3.97 30.24
C ILE B 41 28.19 -3.88 29.88
N PRO B 42 28.79 -4.95 29.32
CA PRO B 42 30.23 -4.88 29.05
C PRO B 42 30.60 -3.95 27.91
N GLY B 43 29.83 -3.91 26.84
CA GLY B 43 30.11 -3.03 25.72
C GLY B 43 28.83 -2.57 25.07
N MET B 44 28.86 -1.38 24.50
CA MET B 44 27.65 -0.79 23.93
C MET B 44 27.97 0.23 22.86
N ALA B 45 27.10 0.27 21.85
CA ALA B 45 27.16 1.24 20.78
C ALA B 45 25.78 1.84 20.62
N VAL B 46 25.74 3.15 20.44
CA VAL B 46 24.50 3.87 20.23
C VAL B 46 24.67 4.78 19.02
N ALA B 47 23.62 4.86 18.20
CA ALA B 47 23.52 5.89 17.17
C ALA B 47 22.25 6.68 17.39
N VAL B 48 22.36 8.00 17.25
CA VAL B 48 21.21 8.88 17.23
C VAL B 48 21.17 9.53 15.86
N ILE B 49 20.01 9.46 15.21
CA ILE B 49 19.77 10.12 13.93
C ILE B 49 18.96 11.36 14.24
N TYR B 50 19.50 12.52 13.90
CA TYR B 50 18.91 13.80 14.23
C TYR B 50 18.90 14.65 12.97
N GLN B 51 17.72 15.11 12.58
CA GLN B 51 17.54 15.82 11.31
C GLN B 51 18.19 15.05 10.17
N GLY B 52 18.12 13.73 10.26
CA GLY B 52 18.60 12.85 9.22
C GLY B 52 20.05 12.42 9.35
N LYS B 53 20.85 13.09 10.19
CA LYS B 53 22.27 12.78 10.23
C LYS B 53 22.60 11.93 11.45
N PRO B 54 23.54 10.98 11.33
CA PRO B 54 23.86 10.12 12.47
C PRO B 54 25.01 10.60 13.32
N TYR B 55 24.91 10.27 14.61
CA TYR B 55 25.90 10.56 15.63
C TYR B 55 26.13 9.31 16.46
N TYR B 56 27.40 9.00 16.75
CA TYR B 56 27.81 7.70 17.25
C TYR B 56 28.46 7.81 18.62
N PHE B 57 28.21 6.82 19.46
CA PHE B 57 28.73 6.74 20.81
C PHE B 57 29.09 5.29 21.08
N THR B 58 30.21 5.09 21.78
CA THR B 58 30.65 3.74 22.13
C THR B 58 31.18 3.70 23.55
N TRP B 59 31.01 2.56 24.19
CA TRP B 59 31.50 2.31 25.53
C TRP B 59 31.99 0.87 25.64
N GLY B 60 33.01 0.65 26.47
CA GLY B 60 33.30 -0.69 26.92
C GLY B 60 33.95 -1.59 25.88
N TYR B 61 33.75 -2.90 26.05
CA TYR B 61 34.48 -3.90 25.30
C TYR B 61 33.57 -4.82 24.48
N ALA B 62 33.99 -5.09 23.25
CA ALA B 62 33.39 -6.13 22.42
C ALA B 62 33.84 -7.53 22.85
N ASP B 63 35.06 -7.64 23.37
CA ASP B 63 35.64 -8.90 23.86
C ASP B 63 36.36 -8.55 25.14
N ILE B 64 35.83 -9.04 26.26
CA ILE B 64 36.35 -8.64 27.58
C ILE B 64 37.77 -9.18 27.79
N ALA B 65 37.99 -10.43 27.41
CA ALA B 65 39.28 -11.04 27.69
C ALA B 65 40.39 -10.46 26.81
N LYS B 66 40.10 -10.20 25.54
CA LYS B 66 41.06 -9.57 24.65
C LYS B 66 41.12 -8.05 24.85
N LYS B 67 40.26 -7.49 25.68
CA LYS B 67 40.13 -6.05 25.84
C LYS B 67 40.04 -5.34 24.49
N GLN B 68 39.20 -5.89 23.61
CA GLN B 68 38.93 -5.28 22.31
C GLN B 68 37.81 -4.26 22.49
N PRO B 69 38.06 -2.97 22.29
CA PRO B 69 36.99 -1.98 22.50
C PRO B 69 35.89 -2.11 21.45
N VAL B 70 34.69 -1.72 21.87
CA VAL B 70 33.62 -1.49 20.91
C VAL B 70 34.02 -0.34 20.00
N THR B 71 33.87 -0.54 18.70
CA THR B 71 34.13 0.48 17.70
C THR B 71 32.91 0.58 16.78
N GLN B 72 32.96 1.55 15.88
CA GLN B 72 31.93 1.69 14.86
C GLN B 72 31.89 0.50 13.89
N GLN B 73 32.90 -0.36 13.89
CA GLN B 73 32.90 -1.54 13.03
C GLN B 73 32.58 -2.83 13.79
N THR B 74 32.23 -2.73 15.07
CA THR B 74 31.92 -3.93 15.84
C THR B 74 30.56 -4.47 15.40
N LEU B 75 30.50 -5.78 15.09
CA LEU B 75 29.24 -6.45 14.81
C LEU B 75 28.59 -6.96 16.10
N PHE B 76 27.30 -6.64 16.26
CA PHE B 76 26.47 -7.14 17.34
C PHE B 76 25.36 -8.04 16.78
N GLU B 77 24.94 -9.01 17.58
CA GLU B 77 23.75 -9.81 17.27
C GLU B 77 22.50 -8.98 17.50
N LEU B 78 21.68 -8.84 16.45
CA LEU B 78 20.47 -8.03 16.55
C LEU B 78 19.31 -8.79 17.15
N GLY B 79 19.38 -10.12 17.21
CA GLY B 79 18.26 -10.90 17.67
C GLY B 79 17.03 -10.55 16.88
N SER B 80 15.90 -10.34 17.58
CA SER B 80 14.63 -10.12 16.91
C SER B 80 14.51 -8.81 16.14
N VAL B 81 15.45 -7.87 16.28
CA VAL B 81 15.45 -6.71 15.37
C VAL B 81 15.61 -7.19 13.93
N SER B 82 16.17 -8.41 13.74
CA SER B 82 16.25 -9.03 12.42
C SER B 82 14.88 -9.12 11.75
N LYS B 83 13.81 -9.27 12.54
CA LYS B 83 12.47 -9.38 11.95
C LYS B 83 12.12 -8.15 11.10
N THR B 84 12.70 -6.97 11.40
CA THR B 84 12.43 -5.81 10.57
C THR B 84 13.02 -6.00 9.17
N PHE B 85 14.21 -6.59 9.10
CA PHE B 85 14.78 -6.95 7.80
C PHE B 85 13.89 -7.97 7.09
N THR B 86 13.41 -8.99 7.82
CA THR B 86 12.56 -9.98 7.18
C THR B 86 11.29 -9.32 6.65
N GLY B 87 10.73 -8.40 7.43
CA GLY B 87 9.51 -7.75 7.00
C GLY B 87 9.73 -6.97 5.72
N VAL B 88 10.87 -6.26 5.67
CA VAL B 88 11.17 -5.43 4.51
C VAL B 88 11.46 -6.31 3.30
N LEU B 89 12.15 -7.43 3.50
CA LEU B 89 12.40 -8.32 2.37
C LEU B 89 11.07 -8.85 1.83
N GLY B 90 10.15 -9.19 2.74
CA GLY B 90 8.86 -9.64 2.29
C GLY B 90 8.14 -8.55 1.55
N GLY B 91 8.22 -7.33 2.05
CA GLY B 91 7.61 -6.21 1.35
C GLY B 91 8.19 -6.08 -0.04
N ASP B 92 9.50 -6.28 -0.17
N ASP B 92 9.50 -6.28 -0.17
CA ASP B 92 10.14 -6.14 -1.47
CA ASP B 92 10.14 -6.14 -1.48
C ASP B 92 9.63 -7.21 -2.43
C ASP B 92 9.62 -7.20 -2.43
N ALA B 93 9.44 -8.44 -1.92
CA ALA B 93 8.92 -9.50 -2.76
C ALA B 93 7.49 -9.22 -3.17
N ILE B 94 6.72 -8.55 -2.31
CA ILE B 94 5.39 -8.12 -2.71
C ILE B 94 5.51 -7.10 -3.83
N ALA B 95 6.45 -6.17 -3.69
CA ALA B 95 6.57 -5.10 -4.67
C ALA B 95 7.02 -5.64 -6.01
N ARG B 96 7.81 -6.71 -5.99
CA ARG B 96 8.28 -7.39 -7.19
C ARG B 96 7.21 -8.25 -7.84
N GLY B 97 6.04 -8.38 -7.22
CA GLY B 97 4.99 -9.23 -7.76
C GLY B 97 5.18 -10.71 -7.53
N GLU B 98 6.13 -11.08 -6.67
CA GLU B 98 6.46 -12.48 -6.46
C GLU B 98 5.52 -13.17 -5.48
N ILE B 99 5.03 -12.44 -4.48
CA ILE B 99 4.10 -12.97 -3.48
C ILE B 99 3.01 -11.93 -3.26
N LYS B 100 1.90 -12.41 -2.68
CA LYS B 100 0.84 -11.56 -2.14
C LYS B 100 0.53 -12.01 -0.71
N LEU B 101 0.32 -11.04 0.16
CA LEU B 101 -0.01 -11.38 1.54
C LEU B 101 -1.38 -12.06 1.69
N SER B 102 -2.26 -11.85 0.72
CA SER B 102 -3.59 -12.49 0.70
C SER B 102 -3.49 -13.94 0.27
N ASP B 103 -2.35 -14.41 -0.22
CA ASP B 103 -2.21 -15.89 -0.60
C ASP B 103 -2.14 -16.95 0.55
N PRO B 104 -2.69 -18.04 0.30
N PRO B 104 -2.71 -18.04 0.31
CA PRO B 104 -2.58 -19.10 1.27
CA PRO B 104 -2.58 -19.10 1.27
C PRO B 104 -1.09 -19.50 1.47
C PRO B 104 -1.09 -19.50 1.47
N THR B 105 -0.76 -19.94 2.68
CA THR B 105 0.57 -20.44 2.93
C THR B 105 0.90 -21.58 1.97
N THR B 106 -0.07 -22.45 1.69
CA THR B 106 0.20 -23.62 0.87
C THR B 106 0.53 -23.27 -0.57
N LYS B 107 0.21 -22.07 -1.05
CA LYS B 107 0.59 -21.72 -2.42
C LYS B 107 2.10 -21.78 -2.61
N TYR B 108 2.87 -21.38 -1.59
CA TYR B 108 4.32 -21.38 -1.64
C TYR B 108 4.94 -22.56 -0.91
N TRP B 109 4.13 -23.43 -0.31
CA TRP B 109 4.60 -24.67 0.30
C TRP B 109 3.59 -25.75 -0.02
N PRO B 110 3.62 -26.26 -1.26
CA PRO B 110 2.56 -27.20 -1.68
C PRO B 110 2.48 -28.46 -0.83
N GLU B 111 3.59 -28.87 -0.23
CA GLU B 111 3.64 -30.05 0.63
C GLU B 111 2.91 -29.85 1.96
N LEU B 112 2.52 -28.62 2.30
CA LEU B 112 1.83 -28.34 3.56
C LEU B 112 0.33 -28.52 3.36
N THR B 113 -0.10 -29.78 3.37
CA THR B 113 -1.45 -30.15 2.96
C THR B 113 -2.44 -30.36 4.11
N ALA B 114 -2.00 -30.31 5.36
CA ALA B 114 -2.92 -30.60 6.47
C ALA B 114 -4.03 -29.56 6.52
N LYS B 115 -5.22 -30.01 6.93
CA LYS B 115 -6.43 -29.23 6.77
C LYS B 115 -6.46 -27.97 7.62
N GLN B 116 -5.73 -27.93 8.73
CA GLN B 116 -5.75 -26.75 9.59
C GLN B 116 -5.09 -25.54 8.94
N TRP B 117 -4.38 -25.73 7.82
CA TRP B 117 -3.73 -24.63 7.13
C TRP B 117 -4.65 -23.91 6.16
N ASN B 118 -5.83 -24.47 5.89
CA ASN B 118 -6.78 -23.80 5.02
C ASN B 118 -7.22 -22.51 5.70
N GLY B 119 -7.05 -21.40 5.00
CA GLY B 119 -7.39 -20.11 5.54
C GLY B 119 -6.27 -19.34 6.20
N ILE B 120 -5.10 -19.94 6.38
CA ILE B 120 -3.95 -19.25 6.94
C ILE B 120 -3.11 -18.70 5.79
N THR B 121 -2.96 -17.39 5.75
CA THR B 121 -2.31 -16.70 4.65
C THR B 121 -0.94 -16.19 5.06
N LEU B 122 -0.17 -15.73 4.07
CA LEU B 122 1.11 -15.11 4.38
C LEU B 122 0.98 -13.91 5.33
N LEU B 123 -0.11 -13.14 5.21
CA LEU B 123 -0.32 -12.05 6.16
C LEU B 123 -0.31 -12.59 7.60
N HIS B 124 -1.04 -13.67 7.83
CA HIS B 124 -1.11 -14.23 9.19
C HIS B 124 0.27 -14.59 9.70
N LEU B 125 1.06 -15.29 8.89
CA LEU B 125 2.40 -15.67 9.30
C LEU B 125 3.26 -14.44 9.61
N ALA B 126 3.19 -13.43 8.73
CA ALA B 126 4.03 -12.25 8.86
C ALA B 126 3.71 -11.45 10.12
N THR B 127 2.46 -11.48 10.58
CA THR B 127 1.99 -10.60 11.65
C THR B 127 1.63 -11.34 12.93
N TYR B 128 1.97 -12.64 13.03
CA TYR B 128 1.78 -13.43 14.24
C TYR B 128 0.33 -13.76 14.53
N THR B 129 -0.52 -13.80 13.50
CA THR B 129 -1.97 -13.95 13.68
C THR B 129 -2.50 -15.26 13.09
N ALA B 130 -1.66 -16.25 12.83
CA ALA B 130 -2.12 -17.51 12.26
C ALA B 130 -2.95 -18.32 13.23
N GLY B 131 -2.87 -18.01 14.53
CA GLY B 131 -3.66 -18.73 15.50
C GLY B 131 -2.85 -19.50 16.52
N GLY B 132 -1.72 -18.96 16.94
CA GLY B 132 -0.97 -19.54 18.03
C GLY B 132 0.22 -20.39 17.64
N LEU B 133 0.85 -20.13 16.50
CA LEU B 133 2.15 -20.71 16.25
C LEU B 133 3.08 -20.35 17.40
N PRO B 134 3.93 -21.26 17.84
CA PRO B 134 4.64 -21.05 19.11
C PRO B 134 5.79 -20.07 19.03
N LEU B 135 6.06 -19.45 20.17
CA LEU B 135 7.15 -18.47 20.27
C LEU B 135 8.44 -19.02 19.67
N GLN B 136 8.80 -20.24 20.03
N GLN B 136 8.81 -20.24 20.02
CA GLN B 136 10.02 -20.86 19.52
CA GLN B 136 10.03 -20.86 19.53
C GLN B 136 9.68 -22.11 18.74
C GLN B 136 9.69 -22.12 18.75
N VAL B 137 10.41 -22.34 17.67
CA VAL B 137 10.41 -23.66 17.04
C VAL B 137 11.06 -24.64 18.01
N PRO B 138 10.49 -25.83 18.26
CA PRO B 138 11.13 -26.76 19.20
C PRO B 138 12.59 -26.99 18.86
N ASP B 139 13.41 -27.15 19.88
CA ASP B 139 14.87 -27.09 19.64
C ASP B 139 15.39 -28.28 18.82
N GLU B 140 14.67 -29.40 18.78
CA GLU B 140 15.13 -30.56 18.03
C GLU B 140 14.83 -30.46 16.53
N VAL B 141 14.00 -29.52 16.11
CA VAL B 141 13.65 -29.34 14.70
C VAL B 141 14.84 -28.70 14.01
N LYS B 142 15.36 -29.35 12.98
CA LYS B 142 16.54 -28.83 12.31
C LYS B 142 16.38 -28.80 10.80
N SER B 143 16.03 -29.94 10.21
CA SER B 143 16.06 -30.14 8.77
C SER B 143 14.75 -29.70 8.14
N SER B 144 14.75 -29.64 6.80
N SER B 144 14.75 -29.64 6.80
CA SER B 144 13.53 -29.31 6.08
CA SER B 144 13.53 -29.31 6.08
C SER B 144 12.43 -30.33 6.37
C SER B 144 12.43 -30.33 6.37
N SER B 145 12.80 -31.61 6.44
CA SER B 145 11.81 -32.64 6.76
C SER B 145 11.25 -32.44 8.16
N ASP B 146 12.14 -32.12 9.13
CA ASP B 146 11.69 -31.83 10.48
C ASP B 146 10.69 -30.68 10.49
N LEU B 147 10.99 -29.62 9.74
CA LEU B 147 10.11 -28.45 9.71
C LEU B 147 8.76 -28.79 9.11
N LEU B 148 8.76 -29.55 8.01
CA LEU B 148 7.49 -29.93 7.43
C LEU B 148 6.65 -30.69 8.44
N ARG B 149 7.25 -31.67 9.12
CA ARG B 149 6.47 -32.45 10.09
C ARG B 149 5.95 -31.56 11.21
N PHE B 150 6.79 -30.64 11.71
CA PHE B 150 6.36 -29.74 12.76
C PHE B 150 5.12 -28.96 12.35
N TYR B 151 5.16 -28.32 11.17
N TYR B 151 5.18 -28.29 11.20
CA TYR B 151 4.05 -27.47 10.75
CA TYR B 151 4.03 -27.48 10.79
C TYR B 151 2.84 -28.28 10.29
C TYR B 151 2.82 -28.35 10.43
N GLN B 152 3.05 -29.52 9.83
CA GLN B 152 1.93 -30.37 9.46
C GLN B 152 1.20 -30.89 10.69
N ASN B 153 1.91 -31.04 11.81
CA ASN B 153 1.33 -31.56 13.04
C ASN B 153 0.83 -30.46 13.97
N TRP B 154 1.13 -29.19 13.68
CA TRP B 154 0.73 -28.10 14.57
C TRP B 154 -0.78 -27.90 14.54
N GLN B 155 -1.38 -27.78 15.73
CA GLN B 155 -2.81 -27.55 15.86
C GLN B 155 -3.04 -26.18 16.49
N PRO B 156 -3.90 -25.35 15.90
CA PRO B 156 -4.01 -23.96 16.37
C PRO B 156 -4.73 -23.83 17.71
N ALA B 157 -4.36 -22.76 18.42
CA ALA B 157 -5.05 -22.36 19.64
C ALA B 157 -6.28 -21.51 19.35
N TRP B 158 -6.30 -20.80 18.22
CA TRP B 158 -7.39 -19.91 17.83
C TRP B 158 -7.53 -19.95 16.32
N ALA B 159 -8.65 -19.44 15.83
CA ALA B 159 -8.87 -19.33 14.39
C ALA B 159 -7.96 -18.25 13.79
N PRO B 160 -7.68 -18.32 12.49
CA PRO B 160 -6.77 -17.34 11.89
C PRO B 160 -7.34 -15.94 11.98
N GLY B 161 -6.43 -14.96 12.12
CA GLY B 161 -6.80 -13.56 12.13
C GLY B 161 -7.64 -13.11 13.31
N THR B 162 -7.48 -13.75 14.46
CA THR B 162 -8.21 -13.35 15.66
C THR B 162 -7.33 -12.93 16.83
N GLN B 163 -6.14 -13.50 16.98
CA GLN B 163 -5.27 -13.25 18.12
C GLN B 163 -3.85 -13.08 17.63
N ARG B 164 -3.13 -12.10 18.18
CA ARG B 164 -1.72 -11.90 17.92
C ARG B 164 -0.92 -12.57 19.01
N LEU B 165 -0.01 -13.48 18.62
CA LEU B 165 0.91 -14.11 19.56
C LEU B 165 2.30 -14.07 18.93
N TYR B 166 3.15 -13.18 19.46
CA TYR B 166 4.50 -13.00 18.95
C TYR B 166 5.23 -14.34 18.87
N ALA B 167 5.83 -14.63 17.71
CA ALA B 167 6.30 -15.99 17.45
C ALA B 167 7.37 -16.02 16.36
N ASN B 168 8.51 -16.62 16.71
CA ASN B 168 9.56 -16.88 15.73
C ASN B 168 9.07 -17.82 14.64
N SER B 169 8.28 -18.81 15.01
CA SER B 169 7.80 -19.82 14.07
C SER B 169 6.78 -19.27 13.09
N SER B 170 6.27 -18.08 13.33
CA SER B 170 5.30 -17.45 12.42
C SER B 170 6.06 -16.61 11.40
N ILE B 171 6.70 -15.52 11.86
CA ILE B 171 7.43 -14.66 10.92
C ILE B 171 8.59 -15.39 10.27
N GLY B 172 9.25 -16.31 10.97
CA GLY B 172 10.32 -17.08 10.34
C GLY B 172 9.83 -17.86 9.14
N LEU B 173 8.67 -18.51 9.27
CA LEU B 173 8.10 -19.21 8.11
C LEU B 173 7.74 -18.23 7.01
N PHE B 174 7.16 -17.07 7.38
CA PHE B 174 6.90 -16.05 6.37
C PHE B 174 8.15 -15.75 5.55
N GLY B 175 9.27 -15.52 6.23
CA GLY B 175 10.49 -15.18 5.52
C GLY B 175 10.96 -16.28 4.61
N ALA B 176 10.89 -17.53 5.08
CA ALA B 176 11.32 -18.65 4.25
C ALA B 176 10.47 -18.78 2.99
N LEU B 177 9.15 -18.59 3.13
CA LEU B 177 8.27 -18.72 1.97
C LEU B 177 8.33 -17.51 1.06
N ALA B 178 8.58 -16.32 1.61
CA ALA B 178 8.56 -15.11 0.79
C ALA B 178 9.61 -15.15 -0.31
N VAL B 179 10.71 -15.86 -0.09
CA VAL B 179 11.79 -15.91 -1.08
C VAL B 179 11.66 -17.09 -2.04
N LYS B 180 10.68 -17.97 -1.86
CA LYS B 180 10.58 -19.16 -2.70
C LYS B 180 10.39 -18.82 -4.16
N PRO B 181 9.51 -17.89 -4.55
CA PRO B 181 9.36 -17.58 -5.98
C PRO B 181 10.64 -17.12 -6.64
N SER B 182 11.49 -16.39 -5.92
CA SER B 182 12.73 -15.89 -6.50
C SER B 182 13.75 -17.00 -6.74
N GLY B 183 13.58 -18.14 -6.11
CA GLY B 183 14.53 -19.22 -6.18
C GLY B 183 15.81 -19.02 -5.40
N LEU B 184 15.98 -17.86 -4.77
CA LEU B 184 17.18 -17.58 -3.99
C LEU B 184 17.05 -18.12 -2.58
N SER B 185 18.19 -18.44 -1.97
CA SER B 185 18.21 -18.71 -0.55
C SER B 185 17.82 -17.45 0.22
N PHE B 186 17.34 -17.65 1.45
CA PHE B 186 16.97 -16.49 2.25
C PHE B 186 18.15 -15.53 2.39
N GLU B 187 19.34 -16.08 2.66
CA GLU B 187 20.51 -15.22 2.84
C GLU B 187 20.85 -14.48 1.55
N GLN B 188 20.83 -15.17 0.40
CA GLN B 188 21.16 -14.50 -0.85
C GLN B 188 20.13 -13.43 -1.22
N ALA B 189 18.85 -13.71 -1.00
CA ALA B 189 17.83 -12.69 -1.20
C ALA B 189 18.09 -11.48 -0.31
N MET B 190 18.31 -11.72 0.97
CA MET B 190 18.61 -10.60 1.88
C MET B 190 19.84 -9.82 1.49
N GLN B 191 20.91 -10.52 1.12
CA GLN B 191 22.11 -9.86 0.63
C GLN B 191 21.84 -9.01 -0.59
N THR B 192 21.31 -9.65 -1.66
CA THR B 192 21.18 -9.00 -2.97
C THR B 192 20.16 -7.84 -2.92
N ARG B 193 19.08 -8.02 -2.16
CA ARG B 193 17.93 -7.16 -2.30
C ARG B 193 17.74 -6.12 -1.19
N VAL B 194 18.41 -6.25 -0.04
CA VAL B 194 18.25 -5.33 1.08
C VAL B 194 19.60 -4.78 1.54
N PHE B 195 20.51 -5.66 1.94
N PHE B 195 20.52 -5.66 1.96
CA PHE B 195 21.80 -5.21 2.48
CA PHE B 195 21.79 -5.19 2.49
C PHE B 195 22.57 -4.41 1.44
C PHE B 195 22.55 -4.38 1.43
N GLN B 196 22.73 -4.96 0.24
CA GLN B 196 23.61 -4.33 -0.75
C GLN B 196 23.05 -3.02 -1.29
N PRO B 197 21.79 -2.93 -1.71
CA PRO B 197 21.26 -1.65 -2.17
C PRO B 197 21.39 -0.52 -1.16
N LEU B 198 21.27 -0.82 0.13
CA LEU B 198 21.38 0.19 1.19
C LEU B 198 22.81 0.35 1.69
N LYS B 199 23.76 -0.34 1.07
CA LYS B 199 25.18 -0.22 1.40
C LYS B 199 25.44 -0.56 2.86
N LEU B 200 24.75 -1.60 3.36
CA LEU B 200 25.06 -2.19 4.66
C LEU B 200 26.17 -3.21 4.43
N ASN B 201 27.39 -2.70 4.39
CA ASN B 201 28.55 -3.45 3.94
C ASN B 201 29.23 -4.24 5.05
N HIS B 202 28.68 -4.21 6.26
CA HIS B 202 29.21 -4.96 7.41
C HIS B 202 28.08 -5.60 8.18
N THR B 203 27.08 -6.08 7.45
CA THR B 203 25.89 -6.72 7.99
C THR B 203 25.78 -8.11 7.38
N TRP B 204 25.60 -9.12 8.24
CA TRP B 204 25.67 -10.51 7.82
C TRP B 204 24.69 -11.37 8.58
N ILE B 205 24.12 -12.35 7.88
CA ILE B 205 23.43 -13.45 8.53
C ILE B 205 24.42 -14.51 9.01
N ASN B 206 25.43 -14.80 8.18
CA ASN B 206 26.55 -15.67 8.55
C ASN B 206 27.81 -14.81 8.45
N VAL B 207 28.46 -14.58 9.59
CA VAL B 207 29.63 -13.70 9.66
C VAL B 207 30.81 -14.40 8.99
N PRO B 208 31.42 -13.80 7.97
CA PRO B 208 32.51 -14.48 7.27
C PRO B 208 33.81 -14.36 8.04
N PRO B 209 34.80 -15.21 7.74
CA PRO B 209 36.07 -15.14 8.49
C PRO B 209 36.69 -13.75 8.57
N ALA B 210 36.64 -12.98 7.48
CA ALA B 210 37.23 -11.65 7.46
C ALA B 210 36.63 -10.70 8.50
N GLU B 211 35.42 -10.96 8.97
CA GLU B 211 34.76 -10.14 9.97
C GLU B 211 34.84 -10.74 11.38
N GLU B 212 35.42 -11.92 11.54
CA GLU B 212 35.40 -12.58 12.86
C GLU B 212 36.07 -11.71 13.94
N LYS B 213 37.09 -10.95 13.57
CA LYS B 213 37.78 -10.13 14.55
C LYS B 213 36.94 -8.95 15.01
N ASN B 214 35.88 -8.60 14.28
CA ASN B 214 34.99 -7.51 14.62
C ASN B 214 33.68 -7.97 15.24
N TYR B 215 33.46 -9.28 15.32
CA TYR B 215 32.22 -9.83 15.86
C TYR B 215 32.34 -9.88 17.38
N ALA B 216 31.58 -9.02 18.05
CA ALA B 216 31.58 -8.99 19.49
C ALA B 216 31.12 -10.33 20.06
N TRP B 217 31.64 -10.65 21.23
CA TRP B 217 31.08 -11.73 22.05
C TRP B 217 29.91 -11.18 22.85
N GLY B 218 28.86 -11.99 22.98
CA GLY B 218 27.83 -11.71 23.93
C GLY B 218 28.20 -12.26 25.29
N TYR B 219 27.55 -11.78 26.34
CA TYR B 219 27.89 -12.20 27.70
C TYR B 219 26.64 -12.59 28.45
N ARG B 220 26.61 -13.86 28.86
CA ARG B 220 25.50 -14.41 29.62
C ARG B 220 26.08 -15.06 30.85
N GLU B 221 25.69 -14.56 32.02
CA GLU B 221 26.26 -15.00 33.30
C GLU B 221 27.78 -14.97 33.24
N GLY B 222 28.32 -13.93 32.62
CA GLY B 222 29.74 -13.72 32.54
C GLY B 222 30.46 -14.55 31.51
N LYS B 223 29.75 -15.44 30.80
CA LYS B 223 30.37 -16.33 29.82
C LYS B 223 30.18 -15.75 28.43
N ALA B 224 31.25 -15.81 27.63
CA ALA B 224 31.19 -15.34 26.25
C ALA B 224 30.43 -16.34 25.38
N VAL B 225 29.42 -15.84 24.66
CA VAL B 225 28.54 -16.69 23.87
C VAL B 225 28.16 -16.00 22.56
N HIS B 226 27.93 -16.82 21.54
CA HIS B 226 27.29 -16.41 20.31
C HIS B 226 26.02 -17.23 20.11
N VAL B 227 25.09 -16.69 19.33
CA VAL B 227 23.81 -17.35 19.12
C VAL B 227 24.03 -18.73 18.52
N SER B 228 23.20 -19.68 18.95
CA SER B 228 23.29 -21.07 18.51
C SER B 228 22.49 -21.27 17.23
N PRO B 229 22.90 -22.20 16.38
CA PRO B 229 22.09 -22.54 15.21
C PRO B 229 20.71 -23.03 15.61
N GLY B 230 19.72 -22.68 14.79
CA GLY B 230 18.36 -23.15 15.02
C GLY B 230 17.55 -23.06 13.75
N ALA B 231 16.46 -23.83 13.72
CA ALA B 231 15.56 -23.77 12.57
C ALA B 231 14.98 -22.37 12.42
N LEU B 232 15.00 -21.86 11.18
CA LEU B 232 14.46 -20.53 10.87
C LEU B 232 15.19 -19.42 11.63
N ASP B 233 16.45 -19.67 12.04
CA ASP B 233 17.21 -18.66 12.75
C ASP B 233 17.48 -17.43 11.89
N ALA B 234 17.89 -17.64 10.63
CA ALA B 234 18.18 -16.50 9.76
C ALA B 234 16.97 -15.58 9.64
N GLU B 235 15.78 -16.17 9.48
CA GLU B 235 14.56 -15.45 9.20
C GLU B 235 14.00 -14.76 10.44
N ALA B 236 14.23 -15.29 11.63
CA ALA B 236 13.62 -14.78 12.85
C ALA B 236 14.56 -13.98 13.74
N TYR B 237 15.86 -14.28 13.74
CA TYR B 237 16.76 -13.63 14.70
C TYR B 237 18.22 -13.67 14.29
N GLY B 238 18.54 -13.79 13.00
CA GLY B 238 19.88 -14.16 12.60
C GLY B 238 20.81 -13.09 12.07
N VAL B 239 20.44 -11.82 12.07
CA VAL B 239 21.28 -10.77 11.52
C VAL B 239 22.25 -10.24 12.57
N LYS B 240 23.49 -9.97 12.13
CA LYS B 240 24.52 -9.29 12.92
C LYS B 240 24.95 -8.05 12.15
N SER B 241 25.16 -6.94 12.86
CA SER B 241 25.39 -5.67 12.18
C SER B 241 26.15 -4.73 13.10
N THR B 242 26.72 -3.68 12.48
CA THR B 242 27.44 -2.64 13.19
C THR B 242 26.53 -1.44 13.46
N ILE B 243 27.03 -0.53 14.31
CA ILE B 243 26.24 0.65 14.64
C ILE B 243 26.10 1.57 13.43
N GLU B 244 27.12 1.65 12.57
CA GLU B 244 27.03 2.46 11.36
C GLU B 244 25.98 1.90 10.40
N ASP B 245 26.03 0.60 10.12
CA ASP B 245 25.03 0.00 9.24
C ASP B 245 23.63 0.15 9.82
N MET B 246 23.47 -0.02 11.13
CA MET B 246 22.16 0.10 11.74
C MET B 246 21.64 1.54 11.68
N ALA B 247 22.54 2.52 11.82
CA ALA B 247 22.15 3.92 11.60
C ALA B 247 21.63 4.09 10.18
N ARG B 248 22.31 3.49 9.21
CA ARG B 248 21.85 3.56 7.82
C ARG B 248 20.49 2.88 7.64
N TRP B 249 20.26 1.78 8.36
CA TRP B 249 18.96 1.10 8.30
C TRP B 249 17.87 2.00 8.83
N VAL B 250 18.14 2.68 9.94
CA VAL B 250 17.17 3.63 10.47
C VAL B 250 16.91 4.75 9.46
N GLN B 251 17.96 5.29 8.85
CA GLN B 251 17.77 6.36 7.87
C GLN B 251 16.90 5.90 6.71
N SER B 252 17.13 4.68 6.24
CA SER B 252 16.36 4.15 5.11
C SER B 252 14.89 3.97 5.47
N ASN B 253 14.61 3.55 6.70
CA ASN B 253 13.22 3.36 7.12
C ASN B 253 12.55 4.67 7.48
N LEU B 254 13.34 5.68 7.89
CA LEU B 254 12.79 7.00 8.15
C LEU B 254 12.36 7.68 6.87
N LYS B 255 13.14 7.54 5.80
CA LYS B 255 12.96 8.28 4.56
C LYS B 255 13.06 7.33 3.38
N PRO B 256 12.06 6.47 3.20
CA PRO B 256 12.12 5.49 2.10
C PRO B 256 12.15 6.12 0.72
N LEU B 257 11.59 7.33 0.56
CA LEU B 257 11.51 7.96 -0.75
C LEU B 257 12.87 8.32 -1.33
N ASP B 258 13.93 8.25 -0.52
CA ASP B 258 15.27 8.52 -1.01
C ASP B 258 15.96 7.28 -1.56
N ILE B 259 15.34 6.11 -1.44
CA ILE B 259 15.90 4.86 -1.93
C ILE B 259 15.57 4.73 -3.41
N ASN B 260 16.60 4.50 -4.24
CA ASN B 260 16.45 4.49 -5.68
C ASN B 260 15.89 3.18 -6.23
N GLU B 261 16.04 2.07 -5.52
CA GLU B 261 15.45 0.82 -5.94
C GLU B 261 13.95 0.83 -5.65
N LYS B 262 13.13 0.79 -6.70
CA LYS B 262 11.69 1.03 -6.55
C LYS B 262 11.05 -0.03 -5.66
N THR B 263 11.37 -1.31 -5.88
CA THR B 263 10.71 -2.35 -5.09
C THR B 263 11.13 -2.29 -3.62
N LEU B 264 12.36 -1.86 -3.33
CA LEU B 264 12.78 -1.77 -1.94
C LEU B 264 12.13 -0.58 -1.24
N GLN B 265 12.05 0.56 -1.93
CA GLN B 265 11.31 1.70 -1.39
C GLN B 265 9.88 1.29 -1.05
N GLN B 266 9.23 0.58 -1.97
CA GLN B 266 7.86 0.11 -1.74
C GLN B 266 7.80 -0.90 -0.59
N GLY B 267 8.78 -1.81 -0.52
CA GLY B 267 8.75 -2.81 0.54
C GLY B 267 8.93 -2.19 1.92
N ILE B 268 9.77 -1.17 2.03
CA ILE B 268 9.89 -0.43 3.28
C ILE B 268 8.56 0.20 3.66
N GLN B 269 7.91 0.83 2.68
CA GLN B 269 6.60 1.41 2.97
C GLN B 269 5.59 0.35 3.43
N LEU B 270 5.59 -0.82 2.78
CA LEU B 270 4.65 -1.86 3.14
C LEU B 270 4.90 -2.39 4.55
N ALA B 271 6.16 -2.44 4.98
CA ALA B 271 6.49 -2.96 6.31
C ALA B 271 6.01 -2.04 7.44
N GLN B 272 5.80 -0.75 7.17
CA GLN B 272 5.24 0.17 8.16
C GLN B 272 3.74 0.41 7.96
N SER B 273 3.09 -0.30 7.06
CA SER B 273 1.63 -0.25 6.98
C SER B 273 1.05 -0.88 8.25
N ARG B 274 -0.14 -0.42 8.63
CA ARG B 274 -0.80 -0.89 9.85
C ARG B 274 -1.85 -1.94 9.47
N TYR B 275 -1.60 -3.20 9.82
CA TYR B 275 -2.44 -4.33 9.43
C TYR B 275 -3.40 -4.78 10.52
N TRP B 276 -3.00 -4.63 11.79
CA TRP B 276 -3.79 -5.05 12.93
C TRP B 276 -3.58 -4.04 14.05
N GLN B 277 -4.59 -3.87 14.89
CA GLN B 277 -4.46 -3.05 16.09
C GLN B 277 -4.73 -3.90 17.32
N THR B 278 -3.89 -3.75 18.34
CA THR B 278 -4.16 -4.24 19.69
C THR B 278 -3.82 -3.13 20.68
N GLY B 279 -4.79 -2.73 21.47
CA GLY B 279 -4.56 -1.60 22.35
C GLY B 279 -4.16 -0.39 21.54
N ASP B 280 -3.07 0.27 21.92
CA ASP B 280 -2.58 1.45 21.22
C ASP B 280 -1.46 1.10 20.25
N MET B 281 -1.27 -0.18 19.94
CA MET B 281 -0.21 -0.62 19.04
C MET B 281 -0.78 -1.17 17.75
N TYR B 282 0.00 -1.00 16.68
CA TYR B 282 -0.31 -1.48 15.35
C TYR B 282 0.83 -2.36 14.86
N GLN B 283 0.46 -3.47 14.24
CA GLN B 283 1.44 -4.45 13.76
C GLN B 283 1.74 -4.22 12.29
N GLY B 284 3.01 -3.99 11.96
CA GLY B 284 3.50 -3.97 10.60
C GLY B 284 4.12 -5.28 10.22
N LEU B 285 4.98 -5.25 9.21
CA LEU B 285 5.79 -6.41 8.86
C LEU B 285 7.11 -6.26 9.60
N GLY B 286 7.25 -6.96 10.71
CA GLY B 286 8.42 -6.83 11.56
C GLY B 286 8.34 -5.63 12.49
N TRP B 287 8.24 -4.44 11.91
CA TRP B 287 8.08 -3.24 12.72
C TRP B 287 6.75 -3.24 13.47
N GLU B 288 6.78 -2.61 14.66
CA GLU B 288 5.57 -2.27 15.39
C GLU B 288 5.47 -0.76 15.50
N MET B 289 4.24 -0.23 15.54
CA MET B 289 4.06 1.21 15.48
C MET B 289 3.00 1.68 16.47
N LEU B 290 3.16 2.92 16.95
CA LEU B 290 2.15 3.60 17.75
C LEU B 290 2.05 5.03 17.25
N ASP B 291 0.88 5.65 17.42
CA ASP B 291 0.75 7.04 17.03
C ASP B 291 1.64 7.92 17.91
N TRP B 292 2.26 8.92 17.29
CA TRP B 292 3.04 9.92 18.00
C TRP B 292 2.20 11.17 18.16
N PRO B 293 2.16 11.80 19.35
CA PRO B 293 2.93 11.44 20.54
C PRO B 293 2.41 10.21 21.28
N VAL B 294 3.33 9.47 21.87
CA VAL B 294 3.00 8.23 22.55
C VAL B 294 3.01 8.48 24.05
N ASN B 295 2.28 7.66 24.78
CA ASN B 295 2.40 7.64 26.23
C ASN B 295 3.60 6.78 26.60
N PRO B 296 4.66 7.35 27.18
CA PRO B 296 5.87 6.54 27.43
C PRO B 296 5.62 5.32 28.29
N ASP B 297 4.77 5.43 29.31
CA ASP B 297 4.47 4.24 30.12
C ASP B 297 3.90 3.13 29.26
N SER B 298 3.16 3.47 28.20
CA SER B 298 2.60 2.44 27.34
C SER B 298 3.70 1.61 26.67
N ILE B 299 4.65 2.26 25.99
CA ILE B 299 5.69 1.51 25.28
C ILE B 299 6.67 0.86 26.25
N ILE B 300 6.97 1.54 27.35
CA ILE B 300 7.90 1.00 28.35
C ILE B 300 7.31 -0.26 28.98
N ASN B 301 6.14 -0.14 29.62
CA ASN B 301 5.55 -1.32 30.25
C ASN B 301 5.16 -2.38 29.22
N GLY B 302 4.74 -1.99 28.01
CA GLY B 302 4.35 -2.96 27.02
C GLY B 302 5.50 -3.71 26.40
N SER B 303 6.72 -3.21 26.58
CA SER B 303 7.88 -3.98 26.11
C SER B 303 8.29 -5.09 27.07
N ASP B 304 7.78 -5.10 28.30
CA ASP B 304 8.01 -6.22 29.20
C ASP B 304 7.45 -7.49 28.58
N ASN B 305 8.24 -8.57 28.61
CA ASN B 305 7.81 -9.81 27.96
C ASN B 305 6.51 -10.37 28.54
N LYS B 306 6.13 -10.01 29.75
CA LYS B 306 4.85 -10.50 30.27
C LYS B 306 3.68 -9.97 29.43
N ILE B 307 3.85 -8.81 28.81
CA ILE B 307 2.87 -8.26 27.87
C ILE B 307 3.24 -8.59 26.43
N ALA B 308 4.48 -8.31 26.05
CA ALA B 308 4.87 -8.41 24.65
C ALA B 308 4.75 -9.82 24.09
N LEU B 309 4.88 -10.84 24.94
CA LEU B 309 4.79 -12.23 24.51
C LEU B 309 3.43 -12.87 24.76
N ALA B 310 2.46 -12.12 25.26
CA ALA B 310 1.14 -12.65 25.58
C ALA B 310 0.21 -12.50 24.38
N ALA B 311 -0.72 -13.44 24.26
CA ALA B 311 -1.72 -13.35 23.21
C ALA B 311 -2.63 -12.17 23.48
N ARG B 312 -3.00 -11.45 22.42
CA ARG B 312 -3.91 -10.33 22.51
C ARG B 312 -4.85 -10.34 21.32
N PRO B 313 -6.14 -10.07 21.52
CA PRO B 313 -7.07 -10.02 20.39
C PRO B 313 -6.71 -8.86 19.47
N VAL B 314 -6.85 -9.08 18.17
CA VAL B 314 -6.53 -8.05 17.19
C VAL B 314 -7.79 -7.64 16.43
N LYS B 315 -7.84 -6.36 16.06
CA LYS B 315 -8.83 -5.82 15.15
C LYS B 315 -8.15 -5.65 13.79
N ALA B 316 -8.76 -6.25 12.76
CA ALA B 316 -8.25 -6.08 11.41
C ALA B 316 -8.39 -4.62 10.99
N ILE B 317 -7.41 -4.13 10.25
CA ILE B 317 -7.45 -2.80 9.66
C ILE B 317 -7.66 -3.04 8.17
N THR B 318 -8.89 -2.84 7.73
CA THR B 318 -9.37 -3.31 6.43
C THR B 318 -9.75 -2.11 5.59
N PRO B 319 -8.92 -1.68 4.62
CA PRO B 319 -7.60 -2.22 4.28
C PRO B 319 -6.53 -1.59 5.17
N PRO B 320 -5.30 -2.10 5.11
CA PRO B 320 -4.24 -1.55 5.97
C PRO B 320 -3.97 -0.08 5.71
N THR B 321 -3.71 0.65 6.79
CA THR B 321 -3.38 2.05 6.68
C THR B 321 -1.95 2.19 6.17
N PRO B 322 -1.72 2.99 5.13
CA PRO B 322 -0.34 3.21 4.69
C PRO B 322 0.46 3.89 5.80
N ALA B 323 1.77 3.74 5.70
CA ALA B 323 2.68 4.19 6.76
C ALA B 323 2.34 5.61 7.21
N VAL B 324 2.19 5.76 8.51
CA VAL B 324 1.81 7.04 9.13
C VAL B 324 3.09 7.72 9.59
N ARG B 325 3.32 8.93 9.09
CA ARG B 325 4.58 9.62 9.40
C ARG B 325 4.66 9.98 10.88
N ALA B 326 3.54 10.37 11.49
CA ALA B 326 3.52 10.72 12.91
C ALA B 326 3.35 9.45 13.75
N SER B 327 4.38 8.60 13.71
CA SER B 327 4.40 7.36 14.46
C SER B 327 5.72 7.20 15.20
N TRP B 328 5.65 6.51 16.34
CA TRP B 328 6.79 5.86 16.98
C TRP B 328 6.86 4.45 16.41
N VAL B 329 7.90 4.17 15.62
CA VAL B 329 8.12 2.87 14.99
C VAL B 329 9.29 2.23 15.70
N HIS B 330 9.14 0.97 16.11
CA HIS B 330 10.20 0.40 16.93
C HIS B 330 10.19 -1.13 16.90
N LYS B 331 11.28 -1.69 17.47
CA LYS B 331 11.44 -3.13 17.65
C LYS B 331 12.56 -3.41 18.66
N THR B 332 12.26 -4.26 19.65
CA THR B 332 13.24 -4.80 20.59
C THR B 332 13.81 -6.11 20.03
N GLY B 333 15.01 -6.46 20.47
CA GLY B 333 15.61 -7.71 20.05
C GLY B 333 16.56 -8.24 21.09
N ALA B 334 16.68 -9.57 21.15
CA ALA B 334 17.65 -10.15 22.06
C ALA B 334 18.12 -11.50 21.54
N THR B 335 19.34 -11.85 21.95
CA THR B 335 19.80 -13.24 21.91
C THR B 335 20.27 -13.59 23.31
N GLY B 336 20.89 -14.76 23.48
N GLY B 336 20.88 -14.76 23.48
CA GLY B 336 21.36 -15.14 24.80
CA GLY B 336 21.35 -15.14 24.81
C GLY B 336 22.33 -14.14 25.40
C GLY B 336 22.32 -14.13 25.41
N GLY B 337 23.16 -13.53 24.56
CA GLY B 337 24.18 -12.63 25.05
C GLY B 337 24.10 -11.19 24.57
N PHE B 338 23.01 -10.81 23.89
CA PHE B 338 22.91 -9.46 23.35
C PHE B 338 21.53 -8.88 23.58
N GLY B 339 21.47 -7.54 23.66
N GLY B 339 21.47 -7.54 23.61
CA GLY B 339 20.23 -6.82 23.78
CA GLY B 339 20.22 -6.81 23.66
C GLY B 339 20.23 -5.59 22.90
C GLY B 339 20.25 -5.61 22.73
N SER B 340 19.19 -5.43 22.07
N SER B 340 19.24 -5.47 21.88
CA SER B 340 19.15 -4.38 21.06
CA SER B 340 19.18 -4.40 20.90
C SER B 340 17.79 -3.70 21.04
C SER B 340 17.81 -3.74 20.94
N TYR B 341 17.79 -2.48 20.51
CA TYR B 341 16.54 -1.74 20.37
C TYR B 341 16.71 -0.71 19.27
N VAL B 342 15.66 -0.54 18.47
CA VAL B 342 15.63 0.49 17.44
C VAL B 342 14.29 1.21 17.53
N ALA B 343 14.32 2.54 17.47
CA ALA B 343 13.08 3.31 17.44
C ALA B 343 13.28 4.58 16.61
N PHE B 344 12.24 4.98 15.89
N PHE B 344 12.23 4.98 15.88
CA PHE B 344 12.32 6.22 15.12
CA PHE B 344 12.32 6.18 15.06
C PHE B 344 10.94 6.86 14.99
C PHE B 344 10.95 6.79 14.79
N ILE B 345 10.96 8.10 14.55
CA ILE B 345 9.75 8.90 14.33
C ILE B 345 9.88 9.57 12.96
N PRO B 346 9.25 9.03 11.91
CA PRO B 346 9.47 9.60 10.56
C PRO B 346 9.21 11.09 10.48
N GLU B 347 8.12 11.56 11.08
CA GLU B 347 7.75 12.97 10.96
C GLU B 347 8.84 13.89 11.48
N LYS B 348 9.61 13.45 12.46
CA LYS B 348 10.64 14.28 13.08
C LYS B 348 12.05 14.00 12.59
N GLU B 349 12.23 13.07 11.65
N GLU B 349 12.22 13.06 11.67
CA GLU B 349 13.56 12.77 11.12
CA GLU B 349 13.54 12.74 11.12
C GLU B 349 14.50 12.34 12.24
C GLU B 349 14.49 12.35 12.24
N LEU B 350 13.98 11.56 13.19
CA LEU B 350 14.66 11.29 14.46
C LEU B 350 14.62 9.80 14.75
N GLY B 351 15.75 9.25 15.18
CA GLY B 351 15.80 7.83 15.49
C GLY B 351 16.95 7.49 16.42
N ILE B 352 16.94 6.24 16.89
CA ILE B 352 17.98 5.76 17.79
C ILE B 352 18.14 4.26 17.58
N VAL B 353 19.40 3.82 17.71
CA VAL B 353 19.79 2.42 17.73
C VAL B 353 20.63 2.21 18.97
N MET B 354 20.34 1.14 19.72
CA MET B 354 21.09 0.82 20.92
C MET B 354 21.46 -0.67 20.82
N LEU B 355 22.76 -0.97 20.76
CA LEU B 355 23.26 -2.32 20.64
C LEU B 355 24.17 -2.62 21.82
N ALA B 356 23.89 -3.71 22.53
CA ALA B 356 24.66 -4.08 23.71
C ALA B 356 24.97 -5.57 23.69
N ASN B 357 26.13 -5.94 24.25
CA ASN B 357 26.51 -7.35 24.30
C ASN B 357 26.19 -7.98 25.65
N LYS B 358 25.02 -7.62 26.19
N LYS B 358 25.03 -7.62 26.19
CA LYS B 358 24.37 -8.32 27.29
CA LYS B 358 24.38 -8.34 27.28
C LYS B 358 22.88 -8.20 27.09
C LYS B 358 22.88 -8.20 27.07
N ASN B 359 22.14 -9.25 27.40
CA ASN B 359 20.68 -9.23 27.31
C ASN B 359 20.13 -8.68 28.62
N TYR B 360 19.70 -7.42 28.61
CA TYR B 360 19.15 -6.74 29.77
C TYR B 360 17.71 -6.38 29.47
N PRO B 361 16.91 -6.05 30.49
CA PRO B 361 15.45 -6.04 30.29
C PRO B 361 14.96 -4.97 29.32
N ASN B 362 13.98 -5.36 28.49
CA ASN B 362 13.42 -4.46 27.50
C ASN B 362 12.99 -3.11 28.05
N PRO B 363 12.24 -3.03 29.16
CA PRO B 363 11.78 -1.72 29.63
C PRO B 363 12.92 -0.73 29.87
N ALA B 364 14.09 -1.20 30.30
CA ALA B 364 15.20 -0.28 30.52
C ALA B 364 15.69 0.33 29.21
N ARG B 365 15.70 -0.49 28.14
CA ARG B 365 16.04 0.00 26.80
C ARG B 365 15.06 1.05 26.34
N VAL B 366 13.77 0.73 26.41
CA VAL B 366 12.75 1.64 25.90
C VAL B 366 12.73 2.93 26.69
N ASP B 367 12.88 2.84 28.02
CA ASP B 367 12.92 4.05 28.85
C ASP B 367 14.05 4.96 28.42
N ALA B 368 15.27 4.41 28.27
CA ALA B 368 16.40 5.24 27.86
C ALA B 368 16.16 5.87 26.48
N ALA B 369 15.64 5.09 25.53
CA ALA B 369 15.36 5.61 24.20
C ALA B 369 14.35 6.74 24.26
N TRP B 370 13.30 6.58 25.07
CA TRP B 370 12.31 7.63 25.22
C TRP B 370 12.93 8.89 25.78
N GLN B 371 13.71 8.77 26.86
CA GLN B 371 14.36 9.96 27.41
C GLN B 371 15.09 10.73 26.34
N ILE B 372 15.85 10.01 25.50
CA ILE B 372 16.69 10.67 24.51
C ILE B 372 15.84 11.32 23.41
N LEU B 373 14.99 10.53 22.77
CA LEU B 373 14.20 11.04 21.65
C LEU B 373 13.24 12.14 22.09
N ASN B 374 12.62 11.99 23.27
CA ASN B 374 11.72 13.03 23.76
C ASN B 374 12.48 14.31 24.09
N ALA B 375 13.75 14.20 24.53
CA ALA B 375 14.54 15.41 24.73
C ALA B 375 14.81 16.13 23.42
N LEU B 376 14.96 15.37 22.32
CA LEU B 376 15.42 15.95 21.07
C LEU B 376 14.31 16.33 20.09
N GLN B 377 13.10 15.80 20.26
CA GLN B 377 12.03 16.06 19.29
C GLN B 377 11.55 17.49 19.38
N11 A1AU1 C . -27.21 7.54 -19.72
C13 A1AU1 C . -26.74 9.11 -17.95
C14 A1AU1 C . -27.11 10.24 -17.16
C16 A1AU1 C . -26.28 10.71 -16.15
O18 A1AU1 C . -24.42 7.32 -14.27
C19 A1AU1 C . -24.10 4.56 -15.59
C20 A1AU1 C . -24.02 3.31 -16.15
C22 A1AU1 C . -23.00 3.02 -17.04
C23 A1AU1 C . -22.07 3.98 -17.37
C02 A1AU1 C . -22.15 5.26 -16.80
C03 A1AU1 C . -23.17 5.53 -15.91
C07 A1AU1 C . -24.71 8.96 -16.67
C08 A1AU1 C . -25.56 8.48 -17.70
C09 A1AU1 C . -25.20 7.38 -18.47
C10 A1AU1 C . -26.04 6.94 -19.47
C12 A1AU1 C . -27.60 8.62 -18.99
C17 A1AU1 C . -25.07 10.06 -15.91
F15 A1AU1 C . -28.30 10.84 -17.42
N06 A1AU1 C . -23.45 8.28 -16.46
O01 A1AU1 C . -21.22 6.29 -17.10
O05 A1AU1 C . -22.09 7.46 -14.42
S04 A1AU1 C . -23.28 7.17 -15.18
CL21 A1AU1 C . -25.22 2.06 -15.75
CL24 A1AU1 C . -20.79 3.56 -18.52
N11 A1AU1 D . 17.42 -15.38 25.10
C13 A1AU1 D . 17.84 -16.20 22.86
C14 A1AU1 D . 18.48 -17.13 21.98
C16 A1AU1 D . 18.26 -17.04 20.61
O18 A1AU1 D . 14.01 -15.86 20.77
C19 A1AU1 D . 12.88 -14.16 22.89
C20 A1AU1 D . 12.23 -13.53 23.91
C22 A1AU1 D . 12.09 -12.15 23.88
C23 A1AU1 D . 12.61 -11.43 22.81
C02 A1AU1 D . 13.27 -12.09 21.78
C03 A1AU1 D . 13.41 -13.46 21.83
C07 A1AU1 D . 16.80 -15.18 20.96
C08 A1AU1 D . 17.02 -15.26 22.37
C09 A1AU1 D . 16.39 -14.35 23.23
C10 A1AU1 D . 16.60 -14.43 24.59
C12 A1AU1 D . 18.04 -16.26 24.28
C17 A1AU1 D . 17.42 -16.06 20.10
F15 A1AU1 D . 19.32 -18.09 22.47
N06 A1AU1 D . 15.91 -14.14 20.45
O01 A1AU1 D . 13.77 -11.32 20.76
O05 A1AU1 D . 13.59 -14.26 19.24
S04 A1AU1 D . 14.24 -14.43 20.54
CL21 A1AU1 D . 11.58 -14.49 25.26
CL24 A1AU1 D . 12.44 -9.66 22.72
#